data_6SXV
#
_entry.id   6SXV
#
_cell.length_a   178.994
_cell.length_b   178.994
_cell.length_c   100.893
_cell.angle_alpha   90.000
_cell.angle_beta   90.000
_cell.angle_gamma   120.000
#
_symmetry.space_group_name_H-M   'H 3'
#
loop_
_entity.id
_entity.type
_entity.pdbx_description
1 polymer 'GH51 a-l-arabinofuranosidase'
2 non-polymer [(1~{S},2~{S},3~{S},4~{S})-2-(hydroxymethyl)-3,4-bis(oxidanyl)cyclopentyl]azanium
3 non-polymer GLYCEROL
4 non-polymer DI(HYDROXYETHYL)ETHER
5 non-polymer 'TRIETHYLENE GLYCOL'
6 non-polymer 2-{2-[2-2-(METHOXY-ETHOXY)-ETHOXY]-ETHOXY}-ETHANOL
7 water water
#
_entity_poly.entity_id   1
_entity_poly.type   'polypeptide(L)'
_entity_poly.pdbx_seq_one_letter_code
;MATKKATMIIEKDFKIAEIDKRIYGSFIEHLGRAVYGGIYEPGHPQADENGFRQDVIELVKELQVPIIRYPGGNFVSGYN
WEDGVGPKEQRPRRLDLAWKSVETNEIGLNEFMDWAKMVGAEVNMAVNLGTRGIDAARNLVEYCNHPSGSYYSDLRIAHG
YKEPHKIKTWCLGNEMDGPWQIGHKTAVEYGRIACEAAKVMKWVDPTIELVVCGSSNRNMPTFAEWEATVLDHTYDHVDY
ISLHQYYGNRDNDTANYLALSLEMDDFIRSVVAIADYVKAKKRSKKTIHLSFDEWNVWYHSNEADKLIEPWTVAPPLLED
IYNFEDALLVGCMLITLMKHADRVKIACLAQLVNVIAPIMTEKNGPAWKQTIYYPFMHASVYGRGVALHPVISSPKYDSK
DFTDVPYLESIAVYNEEKEEVTIFAVNRDMEDALLLECDVRSFEDYRVIEHIVLEHDNVKQTNSAQSSPVVPHRNGDAQL
SDRKVSATLPKLSWNVIRLGKR
;
_entity_poly.pdbx_strand_id   A,B
#
# COMPACT_ATOMS: atom_id res chain seq x y z
N THR A 3 10.42 -1.01 -35.58
CA THR A 3 9.20 -0.86 -34.69
C THR A 3 9.10 -1.90 -33.55
N LYS A 4 8.40 -1.58 -32.47
CA LYS A 4 7.98 -2.55 -31.39
C LYS A 4 6.48 -2.34 -31.15
N LYS A 5 5.81 -3.35 -30.60
CA LYS A 5 4.34 -3.31 -30.32
C LYS A 5 4.14 -3.18 -28.81
N ALA A 6 3.16 -2.34 -28.40
CA ALA A 6 2.71 -2.27 -27.00
C ALA A 6 1.20 -2.22 -26.98
N THR A 7 0.57 -2.75 -25.93
CA THR A 7 -0.90 -2.71 -25.80
C THR A 7 -1.23 -2.06 -24.48
N MET A 8 -2.41 -1.47 -24.43
CA MET A 8 -2.90 -0.81 -23.21
C MET A 8 -4.42 -0.92 -23.22
N ILE A 9 -4.99 -1.41 -22.14
CA ILE A 9 -6.46 -1.48 -21.97
C ILE A 9 -6.95 -0.17 -21.32
N ILE A 10 -7.93 0.49 -21.92
CA ILE A 10 -8.57 1.71 -21.39
C ILE A 10 -9.99 1.31 -20.99
N GLU A 11 -10.18 0.91 -19.73
CA GLU A 11 -11.53 0.44 -19.29
CA GLU A 11 -11.45 0.36 -19.17
C GLU A 11 -12.12 1.46 -18.33
N LYS A 12 -13.21 2.02 -18.78
CA LYS A 12 -13.99 3.06 -18.07
C LYS A 12 -14.24 2.69 -16.62
N ASP A 13 -14.52 1.42 -16.35
CA ASP A 13 -14.96 1.03 -14.98
C ASP A 13 -13.78 0.67 -14.07
N PHE A 14 -12.54 0.69 -14.57
CA PHE A 14 -11.37 0.40 -13.71
C PHE A 14 -10.66 1.74 -13.50
N LYS A 15 -10.92 2.34 -12.34
CA LYS A 15 -10.53 3.73 -12.03
C LYS A 15 -9.47 3.71 -10.93
N ILE A 16 -8.53 4.65 -10.99
CA ILE A 16 -7.63 4.95 -9.87
C ILE A 16 -8.36 5.92 -8.91
N ALA A 17 -8.63 7.13 -9.39
CA ALA A 17 -9.31 8.19 -8.61
C ALA A 17 -9.52 9.42 -9.49
N GLU A 18 -10.37 10.30 -8.99
CA GLU A 18 -10.49 11.70 -9.45
C GLU A 18 -9.09 12.33 -9.27
N ILE A 19 -8.57 12.97 -10.30
CA ILE A 19 -7.33 13.78 -10.20
C ILE A 19 -7.66 15.08 -9.48
N ASP A 20 -6.98 15.34 -8.38
CA ASP A 20 -7.04 16.66 -7.72
C ASP A 20 -6.25 17.62 -8.58
N LYS A 21 -6.89 18.69 -9.10
CA LYS A 21 -6.19 19.64 -9.99
C LYS A 21 -4.93 20.21 -9.35
N ARG A 22 -4.82 20.17 -8.02
CA ARG A 22 -3.64 20.69 -7.34
C ARG A 22 -2.38 19.86 -7.62
N ILE A 23 -2.48 18.70 -8.31
CA ILE A 23 -1.25 18.01 -8.76
C ILE A 23 -0.58 18.80 -9.89
N TYR A 24 -1.27 19.83 -10.44
CA TYR A 24 -0.69 20.72 -11.46
C TYR A 24 -0.23 22.03 -10.83
N GLY A 25 0.13 22.02 -9.58
CA GLY A 25 0.67 23.18 -8.91
C GLY A 25 2.08 23.54 -9.27
N SER A 26 2.50 24.68 -8.74
CA SER A 26 3.91 25.13 -8.85
C SER A 26 4.32 25.90 -7.59
N PHE A 27 5.38 26.72 -7.73
CA PHE A 27 6.25 27.10 -6.60
CA PHE A 27 6.12 27.17 -6.53
C PHE A 27 7.00 28.37 -6.94
N ILE A 28 6.91 29.38 -6.10
CA ILE A 28 7.77 30.58 -6.22
C ILE A 28 8.45 30.78 -4.88
N GLU A 29 9.76 30.86 -4.86
CA GLU A 29 10.55 31.22 -3.70
C GLU A 29 11.28 32.56 -3.91
N HIS A 30 11.58 33.22 -2.82
CA HIS A 30 12.55 34.36 -2.82
C HIS A 30 13.95 33.79 -3.05
N LEU A 31 14.25 33.48 -4.30
CA LEU A 31 15.50 32.82 -4.75
C LEU A 31 15.85 33.39 -6.11
N GLY A 32 17.10 33.86 -6.26
CA GLY A 32 17.54 34.29 -7.56
C GLY A 32 16.59 35.31 -8.18
N ARG A 33 16.22 35.10 -9.44
CA ARG A 33 15.35 36.02 -10.19
CA ARG A 33 15.34 36.02 -10.19
C ARG A 33 13.90 35.48 -10.30
N ALA A 34 13.48 34.61 -9.41
CA ALA A 34 12.10 34.12 -9.45
C ALA A 34 11.11 35.25 -9.19
N VAL A 35 11.40 36.03 -8.14
CA VAL A 35 10.54 37.16 -7.79
C VAL A 35 11.11 38.39 -8.55
N TYR A 36 12.29 38.83 -8.18
CA TYR A 36 12.84 40.09 -8.71
C TYR A 36 13.41 39.82 -10.11
N GLY A 37 12.77 40.36 -11.12
CA GLY A 37 13.16 40.01 -12.50
C GLY A 37 12.35 38.89 -13.08
N GLY A 38 11.47 38.27 -12.30
CA GLY A 38 10.69 37.09 -12.78
C GLY A 38 9.23 37.56 -12.78
N ILE A 39 8.52 37.39 -11.65
CA ILE A 39 7.13 37.88 -11.64
C ILE A 39 7.09 39.42 -11.55
N TYR A 40 8.10 40.05 -10.96
CA TYR A 40 8.02 41.47 -10.58
C TYR A 40 9.27 42.21 -11.14
N GLU A 41 9.02 43.20 -11.99
CA GLU A 41 10.11 43.98 -12.62
C GLU A 41 9.53 45.35 -12.96
N PRO A 42 9.52 46.26 -11.99
CA PRO A 42 8.90 47.57 -12.20
C PRO A 42 9.52 48.29 -13.37
N GLY A 43 10.81 48.20 -13.66
CA GLY A 43 11.29 48.93 -14.89
C GLY A 43 10.85 48.38 -16.27
N HIS A 44 10.20 47.22 -16.32
CA HIS A 44 9.95 46.51 -17.59
C HIS A 44 8.88 47.21 -18.40
N PRO A 45 9.05 47.33 -19.73
CA PRO A 45 8.02 47.97 -20.54
C PRO A 45 6.63 47.32 -20.47
N GLN A 46 6.58 46.03 -20.14
CA GLN A 46 5.32 45.29 -20.04
C GLN A 46 4.91 45.11 -18.57
N ALA A 47 5.44 45.87 -17.61
CA ALA A 47 4.99 45.87 -16.21
C ALA A 47 3.60 46.47 -16.10
N ASP A 48 2.78 45.89 -15.25
CA ASP A 48 1.43 46.44 -14.93
C ASP A 48 1.59 47.54 -13.87
N GLU A 49 0.47 48.09 -13.42
CA GLU A 49 0.40 49.21 -12.46
C GLU A 49 1.08 48.81 -11.15
N ASN A 50 1.23 47.52 -10.85
CA ASN A 50 1.83 47.05 -9.58
C ASN A 50 3.26 46.51 -9.81
N GLY A 51 3.79 46.67 -11.02
CA GLY A 51 5.17 46.26 -11.33
C GLY A 51 5.30 44.79 -11.77
N PHE A 52 4.17 44.14 -11.97
CA PHE A 52 4.22 42.71 -12.32
C PHE A 52 4.31 42.58 -13.84
N ARG A 53 5.18 41.71 -14.31
CA ARG A 53 5.37 41.47 -15.75
C ARG A 53 4.12 40.85 -16.36
N GLN A 54 3.52 41.53 -17.32
CA GLN A 54 2.27 41.02 -17.94
C GLN A 54 2.57 39.79 -18.79
N ASP A 55 3.74 39.76 -19.42
CA ASP A 55 4.13 38.62 -20.29
C ASP A 55 4.25 37.34 -19.44
N VAL A 56 4.84 37.41 -18.28
CA VAL A 56 4.91 36.27 -17.35
C VAL A 56 3.49 35.90 -16.90
N ILE A 57 2.65 36.86 -16.56
CA ILE A 57 1.25 36.56 -16.16
C ILE A 57 0.59 35.72 -17.24
N GLU A 58 0.72 36.08 -18.53
CA GLU A 58 0.06 35.34 -19.62
C GLU A 58 0.63 33.91 -19.69
N LEU A 59 1.93 33.77 -19.59
CA LEU A 59 2.58 32.42 -19.69
C LEU A 59 2.13 31.50 -18.54
N VAL A 60 1.95 32.05 -17.35
CA VAL A 60 1.48 31.30 -16.19
C VAL A 60 0.01 30.95 -16.42
N LYS A 61 -0.82 31.89 -16.85
CA LYS A 61 -2.27 31.62 -17.04
C LYS A 61 -2.42 30.47 -18.04
N GLU A 62 -1.62 30.41 -19.08
CA GLU A 62 -1.79 29.35 -20.12
C GLU A 62 -1.49 27.98 -19.47
N LEU A 63 -0.66 27.88 -18.43
CA LEU A 63 -0.40 26.60 -17.76
C LEU A 63 -1.56 26.21 -16.85
N GLN A 64 -2.46 27.09 -16.48
CA GLN A 64 -3.64 26.83 -15.63
C GLN A 64 -3.21 26.23 -14.28
N VAL A 65 -2.18 26.80 -13.67
CA VAL A 65 -1.64 26.38 -12.37
C VAL A 65 -2.65 26.72 -11.29
N PRO A 66 -3.18 25.72 -10.55
CA PRO A 66 -4.21 26.06 -9.57
C PRO A 66 -3.74 26.58 -8.22
N ILE A 67 -2.49 26.26 -7.89
CA ILE A 67 -1.94 26.50 -6.54
C ILE A 67 -0.43 26.70 -6.65
N ILE A 68 0.08 27.68 -5.90
CA ILE A 68 1.51 28.02 -5.90
C ILE A 68 2.02 28.12 -4.49
N ARG A 69 2.98 27.28 -4.15
CA ARG A 69 3.67 27.30 -2.83
CA ARG A 69 3.65 27.32 -2.85
C ARG A 69 4.56 28.54 -2.79
N TYR A 70 4.63 29.17 -1.61
CA TYR A 70 5.34 30.45 -1.42
C TYR A 70 5.51 30.61 0.09
N PRO A 71 6.55 31.29 0.62
CA PRO A 71 7.68 31.87 -0.09
C PRO A 71 8.97 31.04 -0.14
N GLY A 72 8.83 29.76 0.31
CA GLY A 72 9.96 28.86 0.22
C GLY A 72 9.49 27.50 0.71
N GLY A 73 10.37 26.52 0.50
CA GLY A 73 11.75 26.70 0.07
C GLY A 73 12.69 27.03 1.22
N ASN A 74 13.96 26.80 0.97
CA ASN A 74 15.01 27.02 1.98
C ASN A 74 14.96 28.43 2.59
N PHE A 75 14.55 29.42 1.75
CA PHE A 75 14.42 30.79 2.22
C PHE A 75 13.56 30.92 3.48
N VAL A 76 12.45 30.20 3.54
CA VAL A 76 11.44 30.45 4.58
C VAL A 76 11.98 30.22 5.98
N SER A 77 12.96 29.26 6.08
CA SER A 77 13.41 28.83 7.42
C SER A 77 14.17 29.86 8.21
N GLY A 78 14.57 30.97 7.49
CA GLY A 78 15.23 32.12 8.13
C GLY A 78 14.44 33.44 7.98
N TYR A 79 13.24 33.38 7.51
CA TYR A 79 12.45 34.57 7.08
C TYR A 79 11.53 34.94 8.18
N ASN A 80 11.40 36.32 8.35
CA ASN A 80 10.41 36.89 9.27
C ASN A 80 9.26 37.51 8.47
N TRP A 81 8.04 37.00 8.49
CA TRP A 81 6.97 37.47 7.60
C TRP A 81 6.73 38.99 7.85
N GLU A 82 6.90 39.48 9.04
CA GLU A 82 6.56 40.94 9.30
C GLU A 82 7.55 41.80 8.52
N ASP A 83 8.69 41.35 8.09
CA ASP A 83 9.68 42.13 7.35
C ASP A 83 9.18 42.44 5.96
N GLY A 84 8.18 41.73 5.46
CA GLY A 84 7.67 41.90 4.09
C GLY A 84 6.27 42.52 4.01
N VAL A 85 5.73 43.01 5.14
CA VAL A 85 4.42 43.69 5.11
C VAL A 85 4.58 45.13 5.63
N GLY A 86 3.59 45.93 5.25
CA GLY A 86 3.51 47.35 5.68
C GLY A 86 4.33 48.23 4.81
N PRO A 87 4.38 49.55 5.15
CA PRO A 87 5.08 50.49 4.32
C PRO A 87 6.49 50.05 3.91
N LYS A 88 6.86 50.28 2.64
CA LYS A 88 8.15 49.83 2.12
C LYS A 88 9.28 50.45 2.94
N GLU A 89 9.20 51.75 3.33
CA GLU A 89 10.34 52.41 4.01
CA GLU A 89 10.30 52.47 4.04
C GLU A 89 10.69 51.72 5.33
N GLN A 90 9.74 51.02 5.96
CA GLN A 90 10.02 50.37 7.26
C GLN A 90 10.45 48.88 7.03
N ARG A 91 10.50 48.41 5.79
CA ARG A 91 10.91 46.97 5.54
C ARG A 91 12.41 46.90 5.59
N PRO A 92 13.01 46.01 6.42
CA PRO A 92 14.46 45.95 6.49
C PRO A 92 15.07 45.16 5.32
N ARG A 93 16.31 45.44 5.04
CA ARG A 93 17.14 44.58 4.17
C ARG A 93 17.77 43.47 5.05
N ARG A 94 17.63 42.22 4.57
CA ARG A 94 18.08 41.06 5.35
C ARG A 94 19.12 40.25 4.55
N LEU A 95 19.99 39.58 5.34
CA LEU A 95 20.84 38.52 4.75
C LEU A 95 20.04 37.21 4.68
N ASP A 96 19.69 36.80 3.48
CA ASP A 96 19.08 35.47 3.28
C ASP A 96 20.23 34.44 3.32
N LEU A 97 20.29 33.69 4.43
CA LEU A 97 21.39 32.69 4.60
C LEU A 97 21.17 31.45 3.71
N ALA A 98 19.98 31.21 3.21
CA ALA A 98 19.71 30.04 2.37
C ALA A 98 20.48 30.14 1.06
N TRP A 99 20.42 31.34 0.46
CA TRP A 99 20.96 31.57 -0.89
C TRP A 99 22.04 32.66 -0.90
N LYS A 100 22.54 33.04 0.28
CA LYS A 100 23.68 33.98 0.40
C LYS A 100 23.38 35.26 -0.43
N SER A 101 22.17 35.80 -0.26
CA SER A 101 21.70 36.97 -1.02
C SER A 101 21.22 38.04 -0.04
N VAL A 102 21.21 39.28 -0.51
CA VAL A 102 20.48 40.32 0.27
C VAL A 102 19.05 40.35 -0.22
N GLU A 103 18.08 40.18 0.67
CA GLU A 103 16.66 40.25 0.38
C GLU A 103 16.18 41.62 0.82
N THR A 104 15.65 42.36 -0.13
CA THR A 104 15.13 43.72 0.17
C THR A 104 13.75 43.73 0.80
N ASN A 105 12.98 42.66 0.60
CA ASN A 105 11.59 42.59 1.07
C ASN A 105 10.72 43.63 0.35
N GLU A 106 11.14 44.07 -0.83
CA GLU A 106 10.29 44.94 -1.66
C GLU A 106 8.99 44.24 -2.04
N ILE A 107 9.11 42.91 -2.23
CA ILE A 107 7.91 42.04 -2.36
C ILE A 107 7.75 41.27 -1.04
N GLY A 108 6.58 41.30 -0.46
CA GLY A 108 6.23 40.37 0.63
C GLY A 108 4.87 39.80 0.42
N LEU A 109 4.27 39.24 1.49
CA LEU A 109 3.17 38.29 1.20
C LEU A 109 1.97 38.98 0.58
N ASN A 110 1.69 40.24 0.92
CA ASN A 110 0.47 40.84 0.36
C ASN A 110 0.64 41.15 -1.14
N GLU A 111 1.84 41.57 -1.56
CA GLU A 111 2.07 41.77 -3.00
C GLU A 111 2.06 40.41 -3.74
N PHE A 112 2.55 39.34 -3.08
CA PHE A 112 2.48 38.02 -3.77
C PHE A 112 1.03 37.59 -3.93
N MET A 113 0.17 37.86 -2.93
CA MET A 113 -1.26 37.54 -3.05
C MET A 113 -1.86 38.31 -4.23
N ASP A 114 -1.46 39.59 -4.42
CA ASP A 114 -1.98 40.34 -5.56
C ASP A 114 -1.57 39.66 -6.87
N TRP A 115 -0.33 39.21 -6.96
CA TRP A 115 0.17 38.51 -8.19
C TRP A 115 -0.62 37.20 -8.43
N ALA A 116 -0.75 36.44 -7.37
CA ALA A 116 -1.46 35.14 -7.48
C ALA A 116 -2.87 35.37 -8.01
N LYS A 117 -3.52 36.45 -7.60
CA LYS A 117 -4.88 36.73 -8.08
C LYS A 117 -4.87 36.96 -9.59
N MET A 118 -3.83 37.59 -10.11
CA MET A 118 -3.75 37.93 -11.55
CA MET A 118 -3.75 37.92 -11.55
C MET A 118 -3.56 36.64 -12.38
N VAL A 119 -2.97 35.60 -11.80
CA VAL A 119 -2.78 34.35 -12.58
C VAL A 119 -3.81 33.28 -12.21
N GLY A 120 -4.73 33.57 -11.33
CA GLY A 120 -5.82 32.64 -11.02
C GLY A 120 -5.39 31.50 -10.10
N ALA A 121 -4.32 31.66 -9.33
CA ALA A 121 -3.79 30.62 -8.44
C ALA A 121 -4.12 30.94 -6.99
N GLU A 122 -4.49 29.93 -6.21
CA GLU A 122 -4.44 30.00 -4.77
C GLU A 122 -2.98 29.85 -4.32
N VAL A 123 -2.73 30.26 -3.09
CA VAL A 123 -1.39 30.24 -2.52
C VAL A 123 -1.31 29.17 -1.41
N ASN A 124 -0.29 28.34 -1.51
CA ASN A 124 0.05 27.36 -0.44
C ASN A 124 1.15 28.03 0.41
N MET A 125 0.77 28.65 1.53
CA MET A 125 1.71 29.49 2.29
C MET A 125 2.54 28.64 3.25
N ALA A 126 3.83 28.87 3.26
CA ALA A 126 4.72 28.18 4.20
C ALA A 126 4.99 29.02 5.41
N VAL A 127 5.08 28.50 6.61
CA VAL A 127 5.52 29.14 7.84
C VAL A 127 6.93 28.76 8.16
N ASN A 128 7.72 29.61 8.75
CA ASN A 128 9.07 29.40 9.23
C ASN A 128 9.04 28.60 10.52
N LEU A 129 9.62 27.36 10.45
CA LEU A 129 9.84 26.56 11.68
C LEU A 129 11.31 26.34 11.83
N GLY A 130 12.22 27.09 11.26
CA GLY A 130 13.62 27.09 11.48
C GLY A 130 14.06 27.92 12.64
N THR A 131 14.05 29.25 12.36
CA THR A 131 14.33 30.23 13.42
C THR A 131 13.10 30.63 14.22
N ARG A 132 11.92 30.29 13.80
CA ARG A 132 10.69 30.70 14.49
C ARG A 132 9.80 29.50 14.83
N GLY A 133 8.69 29.68 15.44
CA GLY A 133 7.89 28.61 16.04
C GLY A 133 6.43 28.91 16.12
N ILE A 134 5.81 28.49 17.20
CA ILE A 134 4.34 28.43 17.22
C ILE A 134 3.70 29.84 17.25
N ASP A 135 4.36 30.76 17.97
CA ASP A 135 3.73 32.11 18.06
C ASP A 135 3.67 32.79 16.68
N ALA A 136 4.75 32.73 15.96
CA ALA A 136 4.76 33.30 14.60
C ALA A 136 3.76 32.65 13.71
N ALA A 137 3.58 31.30 13.90
CA ALA A 137 2.65 30.57 13.03
C ALA A 137 1.21 31.00 13.29
N ARG A 138 0.79 31.07 14.53
CA ARG A 138 -0.59 31.53 14.77
C ARG A 138 -0.77 33.01 14.30
N ASN A 139 0.25 33.82 14.52
CA ASN A 139 0.05 35.27 14.18
C ASN A 139 -0.06 35.38 12.70
N LEU A 140 0.71 34.66 11.89
CA LEU A 140 0.60 34.75 10.45
C LEU A 140 -0.77 34.35 9.99
N VAL A 141 -1.28 33.20 10.48
CA VAL A 141 -2.60 32.74 10.10
C VAL A 141 -3.65 33.83 10.47
N GLU A 142 -3.54 34.40 11.65
CA GLU A 142 -4.50 35.47 12.05
C GLU A 142 -4.37 36.66 11.07
N TYR A 143 -3.17 37.09 10.80
CA TYR A 143 -2.94 38.25 9.88
C TYR A 143 -3.61 37.92 8.58
N CYS A 144 -3.45 36.72 8.01
CA CYS A 144 -3.93 36.40 6.67
C CYS A 144 -5.40 36.12 6.66
N ASN A 145 -5.93 35.44 7.68
CA ASN A 145 -7.25 34.77 7.58
C ASN A 145 -8.34 35.32 8.49
N HIS A 146 -7.96 35.94 9.61
CA HIS A 146 -8.99 36.43 10.54
C HIS A 146 -9.57 37.74 9.98
N PRO A 147 -10.89 37.90 10.01
CA PRO A 147 -11.48 39.03 9.26
C PRO A 147 -11.07 40.42 9.79
N SER A 148 -11.23 40.63 11.08
CA SER A 148 -11.02 41.96 11.74
C SER A 148 -11.15 41.82 13.24
N GLY A 149 -10.88 42.90 13.96
CA GLY A 149 -11.19 43.01 15.37
C GLY A 149 -10.15 42.38 16.28
N SER A 150 -8.96 42.12 15.76
CA SER A 150 -7.78 41.75 16.57
C SER A 150 -6.58 42.51 16.04
N TYR A 151 -5.50 42.60 16.81
CA TYR A 151 -4.35 43.40 16.36
C TYR A 151 -3.95 42.99 14.96
N TYR A 152 -3.66 41.67 14.76
CA TYR A 152 -3.02 41.29 13.48
C TYR A 152 -3.99 41.35 12.31
N SER A 153 -5.27 41.06 12.52
CA SER A 153 -6.26 41.18 11.41
C SER A 153 -6.45 42.69 11.06
N ASP A 154 -6.54 43.51 12.07
CA ASP A 154 -6.68 44.99 11.78
C ASP A 154 -5.41 45.49 11.21
N LEU A 155 -4.26 44.89 11.46
CA LEU A 155 -2.96 45.31 10.88
C LEU A 155 -2.98 45.03 9.39
N ARG A 156 -3.45 43.87 8.93
CA ARG A 156 -3.60 43.56 7.51
C ARG A 156 -4.53 44.60 6.84
N ILE A 157 -5.60 44.90 7.52
CA ILE A 157 -6.55 45.96 6.95
C ILE A 157 -5.79 47.29 6.81
N ALA A 158 -5.02 47.66 7.82
CA ALA A 158 -4.24 48.94 7.79
C ALA A 158 -3.23 48.96 6.69
N HIS A 159 -2.67 47.75 6.36
CA HIS A 159 -1.71 47.60 5.28
C HIS A 159 -2.37 47.62 3.89
N GLY A 160 -3.68 47.75 3.82
CA GLY A 160 -4.38 47.92 2.52
C GLY A 160 -5.20 46.74 2.04
N TYR A 161 -5.37 45.70 2.88
CA TYR A 161 -6.01 44.45 2.38
C TYR A 161 -7.20 44.22 3.30
N LYS A 162 -8.32 44.84 3.03
CA LYS A 162 -9.52 44.79 3.86
C LYS A 162 -9.96 43.33 4.02
N GLU A 163 -10.17 42.68 2.93
CA GLU A 163 -10.70 41.30 2.96
C GLU A 163 -9.56 40.36 3.31
N PRO A 164 -9.80 39.37 4.17
CA PRO A 164 -8.75 38.39 4.45
C PRO A 164 -8.34 37.60 3.22
N HIS A 165 -7.10 37.17 3.19
CA HIS A 165 -6.60 36.33 2.07
C HIS A 165 -7.28 34.95 2.09
N LYS A 166 -7.68 34.44 3.25
CA LYS A 166 -8.43 33.14 3.34
C LYS A 166 -7.58 32.02 2.67
N ILE A 167 -6.34 31.91 3.09
CA ILE A 167 -5.41 30.86 2.59
C ILE A 167 -5.86 29.49 3.17
N LYS A 168 -6.10 28.55 2.26
CA LYS A 168 -6.61 27.22 2.65
C LYS A 168 -5.50 26.23 3.09
N THR A 169 -4.41 26.16 2.38
CA THR A 169 -3.42 25.09 2.61
C THR A 169 -2.06 25.70 3.01
N TRP A 170 -1.54 25.24 4.13
CA TRP A 170 -0.31 25.79 4.70
C TRP A 170 0.78 24.75 4.85
N CYS A 171 2.02 25.10 4.71
CA CYS A 171 3.17 24.17 4.93
C CYS A 171 3.77 24.48 6.24
N LEU A 172 4.00 23.44 7.08
CA LEU A 172 4.67 23.54 8.39
C LEU A 172 6.13 23.49 8.15
N GLY A 173 6.80 24.60 7.82
CA GLY A 173 8.20 24.68 7.56
C GLY A 173 8.63 24.17 6.19
N ASN A 174 9.94 24.04 6.00
CA ASN A 174 10.56 23.57 4.74
C ASN A 174 11.80 22.71 5.00
N GLU A 175 11.85 21.56 4.31
CA GLU A 175 13.12 20.72 4.28
C GLU A 175 13.71 20.76 5.68
N MET A 176 13.00 20.31 6.73
CA MET A 176 13.61 20.48 8.08
CA MET A 176 13.59 20.46 8.10
C MET A 176 14.65 19.37 8.44
N ASP A 177 14.59 18.29 7.63
CA ASP A 177 15.53 17.15 7.81
C ASP A 177 16.92 17.45 7.28
N GLY A 178 17.06 18.51 6.49
CA GLY A 178 18.33 18.74 5.80
C GLY A 178 19.37 19.42 6.67
N PRO A 179 20.61 18.94 6.72
CA PRO A 179 21.68 19.65 7.44
C PRO A 179 21.94 21.03 6.83
N TRP A 180 21.53 21.23 5.59
CA TRP A 180 21.70 22.54 4.89
C TRP A 180 20.66 23.51 5.40
N GLN A 181 19.62 23.14 6.11
CA GLN A 181 18.47 24.00 6.48
C GLN A 181 18.88 24.87 7.62
N ILE A 182 18.43 26.15 7.52
CA ILE A 182 18.49 27.05 8.70
C ILE A 182 17.55 26.50 9.79
N GLY A 183 18.07 26.30 11.00
CA GLY A 183 17.22 25.71 12.05
C GLY A 183 16.72 24.28 11.74
N HIS A 184 17.61 23.52 11.09
CA HIS A 184 17.40 22.04 10.99
C HIS A 184 16.95 21.53 12.36
N LYS A 185 16.02 20.56 12.24
CA LYS A 185 15.51 19.82 13.40
C LYS A 185 15.54 18.30 13.07
N THR A 186 15.81 17.58 14.17
CA THR A 186 15.63 16.10 14.09
C THR A 186 14.18 15.81 13.86
N ALA A 187 13.83 14.54 13.55
CA ALA A 187 12.45 14.18 13.32
C ALA A 187 11.64 14.39 14.59
N VAL A 188 12.16 14.11 15.76
CA VAL A 188 11.38 14.35 17.01
C VAL A 188 11.21 15.89 17.20
N GLU A 189 12.30 16.59 17.15
CA GLU A 189 12.19 18.11 17.35
C GLU A 189 11.18 18.65 16.35
N TYR A 190 11.26 18.28 15.13
CA TYR A 190 10.36 18.79 14.07
C TYR A 190 8.96 18.35 14.34
N GLY A 191 8.78 17.02 14.56
CA GLY A 191 7.43 16.52 14.81
C GLY A 191 6.75 17.28 15.96
N ARG A 192 7.48 17.50 17.03
CA ARG A 192 6.92 18.21 18.17
C ARG A 192 6.50 19.71 17.82
N ILE A 193 7.45 20.41 17.20
CA ILE A 193 7.08 21.89 16.91
C ILE A 193 6.05 21.89 15.84
N ALA A 194 6.03 21.00 14.87
CA ALA A 194 4.99 20.95 13.85
C ALA A 194 3.64 20.63 14.48
N CYS A 195 3.59 19.68 15.44
CA CYS A 195 2.35 19.38 16.14
C CYS A 195 1.78 20.67 16.82
N GLU A 196 2.63 21.27 17.61
CA GLU A 196 2.14 22.44 18.41
C GLU A 196 1.83 23.69 17.46
N ALA A 197 2.53 23.81 16.40
CA ALA A 197 2.22 24.91 15.42
C ALA A 197 0.92 24.59 14.76
N ALA A 198 0.69 23.32 14.33
CA ALA A 198 -0.52 22.92 13.65
C ALA A 198 -1.72 23.19 14.50
N LYS A 199 -1.65 22.87 15.78
CA LYS A 199 -2.78 23.10 16.70
C LYS A 199 -3.13 24.63 16.72
N VAL A 200 -2.16 25.47 16.96
CA VAL A 200 -2.57 26.92 17.12
C VAL A 200 -3.01 27.47 15.78
N MET A 201 -2.49 27.04 14.66
CA MET A 201 -2.93 27.50 13.34
C MET A 201 -4.37 27.12 13.19
N LYS A 202 -4.76 25.87 13.41
CA LYS A 202 -6.13 25.43 13.23
C LYS A 202 -7.07 26.03 14.27
N TRP A 203 -6.58 26.40 15.45
CA TRP A 203 -7.43 27.12 16.40
C TRP A 203 -7.76 28.55 15.89
N VAL A 204 -6.81 29.17 15.22
CA VAL A 204 -7.11 30.52 14.61
C VAL A 204 -8.18 30.27 13.54
N ASP A 205 -7.99 29.27 12.65
CA ASP A 205 -8.86 29.06 11.49
C ASP A 205 -9.00 27.57 11.20
N PRO A 206 -10.10 26.96 11.69
CA PRO A 206 -10.22 25.51 11.54
C PRO A 206 -10.49 25.04 10.10
N THR A 207 -10.71 25.99 9.18
CA THR A 207 -10.95 25.64 7.78
C THR A 207 -9.64 25.26 7.06
N ILE A 208 -8.49 25.59 7.64
CA ILE A 208 -7.25 25.36 6.91
C ILE A 208 -6.93 23.84 6.88
N GLU A 209 -6.01 23.53 5.97
CA GLU A 209 -5.31 22.20 5.85
CA GLU A 209 -5.35 22.20 5.99
C GLU A 209 -3.85 22.41 6.02
N LEU A 210 -3.15 21.38 6.53
CA LEU A 210 -1.73 21.48 6.83
C LEU A 210 -0.92 20.38 6.14
N VAL A 211 0.23 20.77 5.64
CA VAL A 211 1.24 19.89 5.02
C VAL A 211 2.39 19.83 5.98
N VAL A 212 2.68 18.59 6.47
CA VAL A 212 3.88 18.34 7.29
C VAL A 212 5.05 17.94 6.38
N CYS A 213 6.22 18.26 6.76
CA CYS A 213 7.42 18.08 5.94
CA CYS A 213 7.47 18.07 5.97
CA CYS A 213 7.34 18.06 5.82
C CYS A 213 7.91 16.62 5.98
N GLY A 214 7.99 16.01 4.83
CA GLY A 214 8.66 14.71 4.67
C GLY A 214 10.09 14.87 4.30
N SER A 215 10.70 13.81 3.78
CA SER A 215 12.11 13.83 3.40
C SER A 215 12.36 14.83 2.21
N SER A 216 13.57 15.29 2.19
CA SER A 216 14.03 16.18 1.13
C SER A 216 14.41 15.54 -0.17
N ASN A 217 14.62 14.21 -0.13
CA ASN A 217 14.84 13.40 -1.33
C ASN A 217 14.92 11.93 -0.85
N ARG A 218 14.80 11.01 -1.78
CA ARG A 218 14.66 9.57 -1.43
CA ARG A 218 14.72 9.53 -1.54
C ARG A 218 16.00 9.09 -0.83
N ASN A 219 17.12 9.77 -1.08
CA ASN A 219 18.48 9.30 -0.69
C ASN A 219 18.86 9.77 0.70
N MET A 220 17.99 10.56 1.36
CA MET A 220 18.35 10.98 2.70
C MET A 220 18.70 9.81 3.63
N PRO A 221 19.72 10.01 4.46
CA PRO A 221 20.05 8.95 5.42
C PRO A 221 18.88 8.61 6.38
N THR A 222 18.03 9.63 6.65
CA THR A 222 16.82 9.54 7.49
C THR A 222 15.58 9.21 6.69
N PHE A 223 15.68 8.91 5.43
CA PHE A 223 14.47 8.56 4.66
C PHE A 223 13.66 7.47 5.34
N ALA A 224 12.38 7.63 5.37
CA ALA A 224 11.35 6.68 5.86
C ALA A 224 11.26 6.74 7.36
N GLU A 225 12.37 6.57 8.08
CA GLU A 225 12.41 6.80 9.54
C GLU A 225 11.82 8.22 9.88
N TRP A 226 12.24 9.20 9.08
CA TRP A 226 11.75 10.61 9.30
C TRP A 226 10.21 10.67 9.23
N GLU A 227 9.69 10.24 8.12
CA GLU A 227 8.25 10.31 7.89
C GLU A 227 7.48 9.64 9.00
N ALA A 228 7.97 8.39 9.37
CA ALA A 228 7.25 7.66 10.42
C ALA A 228 7.25 8.41 11.75
N THR A 229 8.37 8.94 12.18
CA THR A 229 8.44 9.73 13.43
C THR A 229 7.59 11.04 13.36
N VAL A 230 7.77 11.71 12.23
CA VAL A 230 7.02 12.99 12.12
C VAL A 230 5.53 12.75 12.12
N LEU A 231 5.04 11.73 11.37
CA LEU A 231 3.61 11.43 11.42
C LEU A 231 3.19 10.92 12.80
N ASP A 232 4.06 10.15 13.52
CA ASP A 232 3.65 9.73 14.86
C ASP A 232 3.33 10.93 15.76
N HIS A 233 4.07 12.06 15.52
CA HIS A 233 3.88 13.24 16.39
C HIS A 233 2.73 14.14 15.86
N THR A 234 2.32 14.06 14.65
CA THR A 234 1.46 15.10 14.02
C THR A 234 0.18 14.58 13.47
N TYR A 235 0.01 13.24 13.31
CA TYR A 235 -1.04 12.64 12.49
C TYR A 235 -2.41 13.31 12.71
N ASP A 236 -2.85 13.47 13.97
CA ASP A 236 -4.21 13.93 14.24
C ASP A 236 -4.44 15.40 13.82
N HIS A 237 -3.36 16.12 13.59
CA HIS A 237 -3.45 17.61 13.35
C HIS A 237 -3.15 17.98 11.91
N VAL A 238 -2.72 17.10 11.06
CA VAL A 238 -2.29 17.41 9.70
C VAL A 238 -3.04 16.60 8.66
N ASP A 239 -2.88 17.02 7.40
CA ASP A 239 -3.69 16.48 6.29
C ASP A 239 -2.83 15.85 5.20
N TYR A 240 -1.60 16.31 5.03
CA TYR A 240 -0.71 15.82 3.99
C TYR A 240 0.71 15.73 4.53
N ILE A 241 1.48 14.86 3.87
CA ILE A 241 2.92 14.80 4.05
C ILE A 241 3.62 15.08 2.73
N SER A 242 4.73 15.84 2.79
CA SER A 242 5.40 16.23 1.56
C SER A 242 6.47 15.26 1.12
N LEU A 243 6.79 15.29 -0.15
CA LEU A 243 7.96 14.66 -0.81
C LEU A 243 8.61 15.67 -1.76
N HIS A 244 9.93 15.66 -1.88
CA HIS A 244 10.76 16.54 -2.73
CA HIS A 244 10.69 16.49 -2.85
C HIS A 244 11.64 15.61 -3.59
N GLN A 245 11.80 15.91 -4.84
CA GLN A 245 12.81 15.24 -5.64
C GLN A 245 13.16 15.96 -6.92
N TYR A 246 14.46 16.12 -7.14
CA TYR A 246 15.02 16.56 -8.44
C TYR A 246 15.82 15.42 -9.03
N TYR A 247 15.81 15.38 -10.36
CA TYR A 247 16.62 14.42 -11.16
C TYR A 247 17.50 15.13 -12.16
N GLY A 248 18.58 14.47 -12.56
CA GLY A 248 19.51 15.04 -13.53
C GLY A 248 20.18 13.97 -14.33
N ASN A 249 20.77 14.37 -15.46
CA ASN A 249 21.54 13.42 -16.33
C ASN A 249 23.03 13.76 -16.28
N ARG A 250 23.62 13.67 -15.12
CA ARG A 250 25.04 14.02 -14.88
C ARG A 250 25.98 13.05 -15.62
N ASP A 251 25.59 11.80 -15.85
CA ASP A 251 26.49 10.79 -16.49
CA ASP A 251 26.42 10.73 -16.47
C ASP A 251 26.22 10.68 -18.00
N ASN A 252 25.39 11.55 -18.63
CA ASN A 252 25.06 11.53 -20.10
C ASN A 252 24.66 10.08 -20.47
N ASP A 253 23.64 9.54 -19.81
CA ASP A 253 23.04 8.21 -20.04
C ASP A 253 21.53 8.34 -20.19
N THR A 254 21.07 8.59 -21.42
CA THR A 254 19.64 8.89 -21.72
C THR A 254 18.74 7.72 -21.27
N ALA A 255 19.13 6.47 -21.55
CA ALA A 255 18.25 5.30 -21.27
C ALA A 255 18.04 5.15 -19.75
N ASN A 256 19.08 5.43 -18.95
CA ASN A 256 19.07 5.33 -17.47
C ASN A 256 18.33 6.55 -16.92
N TYR A 257 18.61 7.72 -17.49
CA TYR A 257 17.91 8.97 -17.11
C TYR A 257 16.37 8.84 -17.17
N LEU A 258 15.86 8.44 -18.34
CA LEU A 258 14.40 8.33 -18.56
C LEU A 258 13.77 7.27 -17.65
N ALA A 259 14.55 6.34 -17.11
CA ALA A 259 13.99 5.35 -16.16
C ALA A 259 13.75 5.96 -14.77
N LEU A 260 14.23 7.18 -14.48
CA LEU A 260 14.28 7.67 -13.08
C LEU A 260 12.86 7.82 -12.50
N SER A 261 11.84 8.00 -13.34
CA SER A 261 10.44 8.05 -12.86
C SER A 261 10.05 6.75 -12.13
N LEU A 262 10.70 5.63 -12.41
CA LEU A 262 10.48 4.37 -11.61
C LEU A 262 10.87 4.60 -10.13
N GLU A 263 11.96 5.34 -9.87
CA GLU A 263 12.37 5.66 -8.52
C GLU A 263 11.27 6.54 -7.92
N MET A 264 10.82 7.53 -8.67
CA MET A 264 9.76 8.45 -8.15
C MET A 264 8.51 7.62 -7.77
N ASP A 265 8.17 6.67 -8.61
CA ASP A 265 7.05 5.75 -8.30
C ASP A 265 7.26 5.00 -6.94
N ASP A 266 8.47 4.48 -6.75
CA ASP A 266 8.82 3.77 -5.49
C ASP A 266 8.69 4.71 -4.29
N PHE A 267 9.18 5.96 -4.46
CA PHE A 267 9.21 6.97 -3.38
C PHE A 267 7.75 7.19 -2.97
N ILE A 268 6.87 7.43 -3.96
CA ILE A 268 5.43 7.65 -3.64
C ILE A 268 4.84 6.46 -2.87
N ARG A 269 5.02 5.26 -3.45
CA ARG A 269 4.38 4.09 -2.81
C ARG A 269 4.95 3.88 -1.38
N SER A 270 6.23 4.19 -1.18
CA SER A 270 6.85 4.03 0.14
C SER A 270 6.22 5.01 1.16
N VAL A 271 6.05 6.30 0.74
CA VAL A 271 5.51 7.27 1.70
C VAL A 271 4.02 6.97 1.97
N VAL A 272 3.27 6.54 0.95
CA VAL A 272 1.89 6.10 1.22
C VAL A 272 1.89 4.98 2.30
N ALA A 273 2.82 3.99 2.11
CA ALA A 273 2.86 2.88 3.10
C ALA A 273 3.09 3.40 4.51
N ILE A 274 4.00 4.42 4.62
CA ILE A 274 4.28 4.97 5.96
C ILE A 274 3.03 5.61 6.57
N ALA A 275 2.37 6.44 5.69
CA ALA A 275 1.15 7.06 6.21
C ALA A 275 0.13 6.05 6.72
N ASP A 276 0.01 4.96 5.96
CA ASP A 276 -0.94 3.91 6.39
C ASP A 276 -0.46 3.05 7.60
N TYR A 277 0.83 2.92 7.77
CA TYR A 277 1.41 2.37 9.02
C TYR A 277 0.98 3.17 10.22
N VAL A 278 1.22 4.53 10.11
CA VAL A 278 0.95 5.32 11.31
C VAL A 278 -0.56 5.45 11.52
N LYS A 279 -1.33 5.47 10.45
CA LYS A 279 -2.81 5.46 10.60
C LYS A 279 -3.23 4.24 11.46
N ALA A 280 -2.67 3.07 11.14
CA ALA A 280 -3.03 1.85 11.84
C ALA A 280 -2.54 1.92 13.30
N LYS A 281 -1.32 2.42 13.52
CA LYS A 281 -0.72 2.54 14.87
C LYS A 281 -1.66 3.35 15.74
N LYS A 282 -2.20 4.44 15.22
CA LYS A 282 -3.05 5.44 15.97
C LYS A 282 -4.51 5.00 15.97
N ARG A 283 -4.87 3.98 15.19
CA ARG A 283 -6.31 3.58 15.07
C ARG A 283 -7.10 4.77 14.56
N SER A 284 -6.53 5.55 13.66
CA SER A 284 -7.24 6.70 13.08
C SER A 284 -8.13 6.30 11.89
N LYS A 285 -9.27 6.98 11.74
CA LYS A 285 -10.18 6.83 10.59
C LYS A 285 -9.71 7.73 9.43
N LYS A 286 -8.80 8.67 9.73
CA LYS A 286 -8.40 9.63 8.71
C LYS A 286 -7.25 9.07 7.87
N THR A 287 -7.32 9.28 6.56
CA THR A 287 -6.23 8.98 5.62
C THR A 287 -5.43 10.27 5.36
N ILE A 288 -4.14 10.21 5.49
CA ILE A 288 -3.22 11.30 5.09
CA ILE A 288 -3.15 11.26 5.12
C ILE A 288 -2.76 11.07 3.65
N HIS A 289 -2.80 12.14 2.87
CA HIS A 289 -2.37 12.14 1.50
C HIS A 289 -1.03 12.83 1.33
N LEU A 290 -0.54 12.78 0.08
CA LEU A 290 0.80 13.29 -0.25
C LEU A 290 0.69 14.63 -1.02
N SER A 291 1.66 15.46 -0.67
CA SER A 291 1.95 16.71 -1.43
C SER A 291 3.36 16.59 -2.02
N PHE A 292 3.47 16.36 -3.31
CA PHE A 292 4.80 16.23 -3.96
C PHE A 292 5.25 17.67 -4.31
N ASP A 293 5.57 18.41 -3.27
CA ASP A 293 5.57 19.91 -3.42
C ASP A 293 6.96 20.44 -3.77
N GLU A 294 7.90 19.58 -4.19
CA GLU A 294 9.02 20.03 -5.04
C GLU A 294 9.33 18.89 -6.02
N TRP A 295 9.11 19.05 -7.30
CA TRP A 295 9.58 18.09 -8.32
C TRP A 295 10.02 18.85 -9.56
N ASN A 296 11.06 18.34 -10.21
CA ASN A 296 11.52 18.80 -11.51
C ASN A 296 12.77 18.02 -11.94
N VAL A 297 13.29 18.34 -13.11
CA VAL A 297 14.69 18.16 -13.49
C VAL A 297 15.53 19.32 -12.94
N TRP A 298 16.70 19.05 -12.39
CA TRP A 298 17.69 20.05 -12.00
C TRP A 298 19.08 19.44 -12.10
N TYR A 299 19.99 20.09 -12.84
CA TYR A 299 21.42 19.81 -12.74
C TYR A 299 22.29 20.75 -13.58
N HIS A 300 21.74 21.38 -14.60
CA HIS A 300 22.57 22.09 -15.61
C HIS A 300 23.33 23.24 -14.95
N SER A 301 22.72 23.93 -13.99
CA SER A 301 23.28 25.21 -13.46
C SER A 301 24.37 25.00 -12.41
N ASN A 302 24.70 23.78 -12.03
CA ASN A 302 25.63 23.52 -10.89
C ASN A 302 26.92 24.37 -11.06
N GLU A 303 27.63 24.36 -12.21
CA GLU A 303 28.97 25.06 -12.35
C GLU A 303 28.77 26.61 -12.38
N ALA A 304 27.77 27.14 -13.08
CA ALA A 304 27.48 28.60 -13.12
C ALA A 304 27.21 29.12 -11.69
N ASP A 305 26.42 28.38 -10.93
CA ASP A 305 26.03 28.75 -9.53
C ASP A 305 27.27 29.02 -8.67
N LYS A 306 28.35 28.27 -8.87
CA LYS A 306 29.58 28.35 -8.05
C LYS A 306 30.28 29.71 -8.31
N LEU A 307 29.98 30.43 -9.40
CA LEU A 307 30.70 31.69 -9.79
C LEU A 307 30.04 32.92 -9.15
N ILE A 308 28.85 32.77 -8.57
CA ILE A 308 28.04 33.92 -8.03
C ILE A 308 28.62 34.35 -6.66
N GLU A 309 29.07 35.59 -6.54
CA GLU A 309 29.58 36.21 -5.29
C GLU A 309 28.41 36.37 -4.33
N PRO A 310 28.66 36.20 -3.02
CA PRO A 310 27.62 36.39 -2.02
C PRO A 310 27.15 37.84 -1.86
N TRP A 311 25.93 37.94 -1.39
CA TRP A 311 25.31 39.20 -0.89
C TRP A 311 24.94 40.18 -2.00
N THR A 312 24.69 39.68 -3.18
CA THR A 312 24.05 40.47 -4.23
C THR A 312 22.53 40.40 -4.04
N VAL A 313 21.84 41.33 -4.71
CA VAL A 313 20.37 41.34 -4.85
C VAL A 313 20.02 40.56 -6.14
N ALA A 314 19.12 39.59 -6.02
CA ALA A 314 18.54 38.88 -7.18
C ALA A 314 19.62 38.31 -8.12
N PRO A 315 20.53 37.48 -7.58
CA PRO A 315 21.55 36.88 -8.42
C PRO A 315 20.92 35.92 -9.39
N PRO A 316 21.60 35.63 -10.52
CA PRO A 316 21.04 34.69 -11.51
C PRO A 316 21.31 33.21 -11.18
N LEU A 317 20.67 32.76 -10.13
CA LEU A 317 20.91 31.43 -9.48
C LEU A 317 19.99 30.38 -10.07
N LEU A 318 20.54 29.16 -10.18
CA LEU A 318 19.75 27.94 -10.48
C LEU A 318 18.99 28.06 -11.82
N GLU A 319 19.58 28.71 -12.81
CA GLU A 319 18.94 28.96 -14.12
C GLU A 319 19.32 27.83 -15.05
N ASP A 320 18.70 26.69 -14.87
CA ASP A 320 18.87 25.56 -15.83
C ASP A 320 18.25 25.98 -17.16
N ILE A 321 18.94 25.65 -18.24
CA ILE A 321 18.35 25.69 -19.61
C ILE A 321 18.05 24.24 -19.99
N TYR A 322 16.77 23.92 -20.12
CA TYR A 322 16.31 22.54 -20.37
C TYR A 322 16.45 22.12 -21.83
N ASN A 323 16.66 20.83 -22.00
CA ASN A 323 16.77 20.24 -23.35
C ASN A 323 15.55 19.34 -23.61
N PHE A 324 15.55 18.68 -24.75
CA PHE A 324 14.42 17.81 -25.14
C PHE A 324 14.30 16.57 -24.22
N GLU A 325 15.40 15.88 -23.93
CA GLU A 325 15.27 14.73 -23.04
C GLU A 325 14.73 15.15 -21.68
N ASP A 326 15.07 16.34 -21.18
CA ASP A 326 14.54 16.83 -19.90
C ASP A 326 13.03 16.84 -20.00
N ALA A 327 12.46 17.31 -21.11
CA ALA A 327 11.00 17.39 -21.32
C ALA A 327 10.42 15.97 -21.27
N LEU A 328 11.10 14.99 -21.83
CA LEU A 328 10.60 13.59 -21.77
C LEU A 328 10.54 13.07 -20.32
N LEU A 329 11.56 13.38 -19.51
CA LEU A 329 11.54 12.93 -18.11
C LEU A 329 10.41 13.66 -17.39
N VAL A 330 10.29 14.97 -17.62
CA VAL A 330 9.16 15.72 -16.97
C VAL A 330 7.81 15.04 -17.33
N GLY A 331 7.67 14.68 -18.60
CA GLY A 331 6.47 13.98 -19.02
C GLY A 331 6.31 12.65 -18.25
N CYS A 332 7.36 11.84 -18.09
CA CYS A 332 7.27 10.61 -17.27
C CYS A 332 6.90 10.90 -15.81
N MET A 333 7.39 11.98 -15.26
CA MET A 333 7.11 12.38 -13.86
C MET A 333 5.62 12.75 -13.75
N LEU A 334 5.09 13.48 -14.74
CA LEU A 334 3.67 13.87 -14.71
C LEU A 334 2.76 12.62 -14.75
N ILE A 335 3.07 11.70 -15.65
CA ILE A 335 2.29 10.44 -15.77
C ILE A 335 2.40 9.66 -14.45
N THR A 336 3.53 9.75 -13.76
CA THR A 336 3.74 9.06 -12.46
C THR A 336 2.84 9.71 -11.37
N LEU A 337 2.74 11.03 -11.40
CA LEU A 337 1.81 11.74 -10.46
C LEU A 337 0.36 11.27 -10.76
N MET A 338 -0.05 11.30 -12.04
CA MET A 338 -1.44 10.95 -12.41
CA MET A 338 -1.44 10.99 -12.38
C MET A 338 -1.75 9.53 -11.96
N LYS A 339 -0.80 8.59 -12.12
CA LYS A 339 -1.08 7.16 -11.82
C LYS A 339 -1.18 6.97 -10.30
N HIS A 340 -0.87 8.03 -9.51
CA HIS A 340 -1.00 8.06 -8.06
C HIS A 340 -2.04 9.07 -7.60
N ALA A 341 -3.02 9.36 -8.46
CA ALA A 341 -4.07 10.38 -8.13
C ALA A 341 -4.86 9.98 -6.89
N ASP A 342 -4.89 8.69 -6.52
CA ASP A 342 -5.65 8.24 -5.33
C ASP A 342 -5.01 8.82 -4.04
N ARG A 343 -3.68 9.02 -4.01
CA ARG A 343 -2.99 9.42 -2.77
C ARG A 343 -2.14 10.72 -2.90
N VAL A 344 -1.80 11.13 -4.13
CA VAL A 344 -1.07 12.38 -4.35
C VAL A 344 -2.11 13.42 -4.75
N LYS A 345 -2.33 14.42 -3.86
CA LYS A 345 -3.42 15.39 -4.07
C LYS A 345 -2.89 16.77 -4.38
N ILE A 346 -1.63 17.07 -4.12
CA ILE A 346 -0.97 18.37 -4.41
C ILE A 346 0.38 18.03 -4.99
N ALA A 347 0.86 18.74 -5.97
CA ALA A 347 2.23 18.63 -6.46
C ALA A 347 2.66 19.98 -6.98
N CYS A 348 3.94 20.32 -6.85
CA CYS A 348 4.45 21.63 -7.25
C CYS A 348 5.71 21.45 -8.11
N LEU A 349 5.60 21.82 -9.39
CA LEU A 349 6.75 21.93 -10.28
C LEU A 349 7.63 23.04 -9.71
N ALA A 350 8.83 22.77 -9.29
CA ALA A 350 9.69 23.64 -8.50
C ALA A 350 10.84 24.09 -9.39
N GLN A 351 10.82 25.30 -9.94
CA GLN A 351 9.90 26.41 -9.65
C GLN A 351 9.32 26.98 -10.97
N LEU A 352 8.49 28.01 -10.81
CA LEU A 352 7.65 28.46 -11.96
C LEU A 352 8.37 29.42 -12.90
N VAL A 353 9.24 30.28 -12.37
CA VAL A 353 9.86 31.39 -13.18
C VAL A 353 11.36 31.49 -12.84
N ASN A 354 12.18 31.42 -13.89
CA ASN A 354 13.66 31.61 -13.87
C ASN A 354 14.42 30.49 -13.12
N VAL A 355 14.00 30.18 -11.93
CA VAL A 355 14.66 29.24 -11.03
C VAL A 355 14.13 27.81 -11.33
N ILE A 356 14.98 27.02 -11.97
CA ILE A 356 14.66 25.60 -12.20
C ILE A 356 13.25 25.54 -12.85
N ALA A 357 13.06 26.21 -13.99
CA ALA A 357 11.73 26.75 -14.34
C ALA A 357 11.36 26.51 -15.80
N PRO A 358 10.04 26.36 -16.05
CA PRO A 358 9.54 26.28 -17.41
C PRO A 358 9.40 27.61 -18.16
N ILE A 359 9.47 28.69 -17.42
CA ILE A 359 9.39 30.07 -17.96
C ILE A 359 10.67 30.78 -17.60
N MET A 360 11.32 31.38 -18.60
CA MET A 360 12.55 32.17 -18.36
C MET A 360 12.31 33.61 -18.81
N THR A 361 13.03 34.53 -18.19
CA THR A 361 12.91 35.95 -18.56
C THR A 361 14.29 36.55 -18.75
N GLU A 362 14.29 37.65 -19.56
CA GLU A 362 15.47 38.56 -19.71
C GLU A 362 15.09 39.96 -19.18
N LYS A 363 16.05 40.64 -18.57
CA LYS A 363 15.86 41.99 -18.00
C LYS A 363 15.45 42.92 -19.14
N ASN A 364 14.34 43.63 -18.99
CA ASN A 364 13.86 44.62 -19.99
CA ASN A 364 13.86 44.59 -20.01
C ASN A 364 13.51 43.91 -21.31
N GLY A 365 13.41 42.60 -21.31
CA GLY A 365 13.37 41.77 -22.51
C GLY A 365 12.32 40.68 -22.42
N PRO A 366 12.43 39.67 -23.30
CA PRO A 366 11.34 38.73 -23.45
C PRO A 366 11.30 37.63 -22.37
N ALA A 367 10.11 37.03 -22.28
CA ALA A 367 9.85 35.79 -21.51
C ALA A 367 9.55 34.66 -22.48
N TRP A 368 10.06 33.46 -22.20
CA TRP A 368 9.97 32.36 -23.17
C TRP A 368 9.75 31.01 -22.45
N LYS A 369 9.25 30.11 -23.25
CA LYS A 369 8.90 28.75 -22.82
C LYS A 369 10.09 27.77 -23.04
N GLN A 370 10.49 27.15 -21.94
CA GLN A 370 11.51 26.08 -22.01
C GLN A 370 10.89 24.80 -22.61
N THR A 371 11.72 23.83 -22.95
CA THR A 371 11.22 22.54 -23.46
C THR A 371 10.18 21.96 -22.48
N ILE A 372 10.44 22.05 -21.18
CA ILE A 372 9.61 21.35 -20.16
C ILE A 372 8.23 22.02 -20.00
N TYR A 373 8.07 23.23 -20.51
CA TYR A 373 6.79 23.96 -20.43
C TYR A 373 5.69 23.12 -21.11
N TYR A 374 6.00 22.48 -22.24
CA TYR A 374 4.95 21.87 -23.10
C TYR A 374 4.32 20.65 -22.43
N PRO A 375 5.06 19.64 -21.91
CA PRO A 375 4.39 18.52 -21.26
C PRO A 375 3.58 18.95 -20.02
N PHE A 376 4.12 19.92 -19.27
CA PHE A 376 3.41 20.45 -18.08
C PHE A 376 2.08 21.08 -18.53
N MET A 377 2.11 21.93 -19.54
CA MET A 377 0.91 22.59 -20.08
CA MET A 377 0.88 22.58 -20.04
C MET A 377 -0.10 21.50 -20.49
N HIS A 378 0.38 20.51 -21.22
CA HIS A 378 -0.52 19.48 -21.75
C HIS A 378 -1.20 18.72 -20.59
N ALA A 379 -0.41 18.37 -19.58
CA ALA A 379 -0.94 17.60 -18.43
C ALA A 379 -1.97 18.45 -17.69
N SER A 380 -1.65 19.69 -17.44
CA SER A 380 -2.56 20.58 -16.69
C SER A 380 -3.87 20.82 -17.49
N VAL A 381 -3.74 21.13 -18.77
CA VAL A 381 -4.89 21.56 -19.60
C VAL A 381 -5.77 20.36 -19.97
N TYR A 382 -5.13 19.25 -20.33
CA TYR A 382 -5.86 18.01 -20.83
C TYR A 382 -6.06 16.94 -19.77
N GLY A 383 -5.48 17.11 -18.59
CA GLY A 383 -5.40 16.00 -17.61
C GLY A 383 -6.31 16.16 -16.43
N ARG A 384 -7.45 16.84 -16.60
CA ARG A 384 -8.47 16.97 -15.54
C ARG A 384 -9.55 15.88 -15.76
N GLY A 385 -9.92 15.19 -14.71
CA GLY A 385 -10.94 14.11 -14.68
C GLY A 385 -10.47 12.97 -13.82
N VAL A 386 -10.78 11.75 -14.27
CA VAL A 386 -10.50 10.56 -13.46
C VAL A 386 -9.33 9.86 -14.13
N ALA A 387 -8.33 9.53 -13.37
CA ALA A 387 -7.22 8.65 -13.84
C ALA A 387 -7.73 7.20 -13.88
N LEU A 388 -7.62 6.58 -15.02
CA LEU A 388 -8.01 5.18 -15.19
C LEU A 388 -6.84 4.24 -14.88
N HIS A 389 -7.16 3.06 -14.37
CA HIS A 389 -6.14 2.02 -14.07
C HIS A 389 -5.75 1.32 -15.35
N PRO A 390 -4.51 1.46 -15.85
CA PRO A 390 -4.10 0.83 -17.09
C PRO A 390 -3.66 -0.63 -16.90
N VAL A 391 -3.88 -1.46 -17.91
CA VAL A 391 -3.17 -2.77 -18.01
C VAL A 391 -2.34 -2.61 -19.29
N ILE A 392 -1.02 -2.62 -19.10
CA ILE A 392 -0.04 -2.35 -20.18
C ILE A 392 0.69 -3.66 -20.42
N SER A 393 0.84 -4.00 -21.71
CA SER A 393 1.88 -4.92 -22.18
C SER A 393 2.90 -4.16 -23.04
N SER A 394 4.10 -3.93 -22.49
CA SER A 394 5.18 -3.15 -23.11
C SER A 394 6.46 -3.98 -23.17
N PRO A 395 7.27 -3.86 -24.22
CA PRO A 395 8.66 -4.34 -24.15
C PRO A 395 9.43 -3.50 -23.11
N LYS A 396 10.64 -3.93 -22.73
CA LYS A 396 11.39 -3.54 -21.52
C LYS A 396 12.88 -3.50 -21.92
N TYR A 397 13.68 -2.76 -21.16
CA TYR A 397 15.16 -2.70 -21.26
C TYR A 397 15.74 -2.59 -19.86
N ASP A 398 17.04 -2.88 -19.73
CA ASP A 398 17.73 -2.88 -18.42
C ASP A 398 18.73 -1.70 -18.63
N SER A 399 19.07 -0.92 -17.58
CA SER A 399 20.06 0.20 -17.58
C SER A 399 21.00 0.03 -16.39
N LYS A 400 22.03 0.87 -16.29
CA LYS A 400 23.00 0.94 -15.14
C LYS A 400 22.20 0.63 -13.85
N ASP A 401 21.14 1.39 -13.57
CA ASP A 401 20.53 1.51 -12.22
C ASP A 401 19.15 0.83 -12.12
N PHE A 402 18.59 0.34 -13.24
CA PHE A 402 17.17 -0.14 -13.33
C PHE A 402 17.06 -1.37 -14.22
N THR A 403 16.15 -2.28 -13.86
CA THR A 403 15.84 -3.51 -14.65
C THR A 403 14.36 -3.50 -15.06
N ASP A 404 14.01 -4.07 -16.23
CA ASP A 404 12.62 -4.24 -16.77
C ASP A 404 11.92 -2.88 -16.88
N VAL A 405 12.60 -1.91 -17.46
CA VAL A 405 12.07 -0.55 -17.67
C VAL A 405 11.14 -0.64 -18.88
N PRO A 406 9.81 -0.41 -18.74
CA PRO A 406 8.95 -0.41 -19.90
C PRO A 406 9.38 0.71 -20.86
N TYR A 407 9.36 0.44 -22.17
CA TYR A 407 9.60 1.52 -23.16
C TYR A 407 8.44 2.49 -23.10
N LEU A 408 7.24 1.97 -22.80
CA LEU A 408 6.00 2.77 -22.74
C LEU A 408 5.72 3.24 -21.30
N GLU A 409 5.55 4.54 -21.12
CA GLU A 409 5.00 5.17 -19.89
C GLU A 409 3.69 5.83 -20.28
N SER A 410 2.57 5.41 -19.75
CA SER A 410 1.27 5.91 -20.23
C SER A 410 0.17 5.78 -19.18
N ILE A 411 -0.74 6.73 -19.28
CA ILE A 411 -2.03 6.67 -18.55
CA ILE A 411 -1.99 6.79 -18.47
C ILE A 411 -3.13 7.41 -19.32
N ALA A 412 -4.37 7.03 -19.06
CA ALA A 412 -5.56 7.64 -19.69
C ALA A 412 -6.36 8.35 -18.57
N VAL A 413 -6.88 9.54 -18.92
CA VAL A 413 -7.74 10.33 -18.03
C VAL A 413 -9.08 10.52 -18.71
N TYR A 414 -10.15 10.25 -17.98
CA TYR A 414 -11.53 10.30 -18.52
C TYR A 414 -12.21 11.50 -17.85
N ASN A 415 -12.73 12.40 -18.66
CA ASN A 415 -13.48 13.58 -18.17
C ASN A 415 -14.93 13.36 -18.61
N GLU A 416 -15.78 12.90 -17.69
CA GLU A 416 -17.20 12.56 -17.96
C GLU A 416 -17.92 13.85 -18.38
N GLU A 417 -17.60 15.01 -17.78
CA GLU A 417 -18.33 16.29 -18.04
C GLU A 417 -18.09 16.74 -19.51
N LYS A 418 -16.88 16.58 -20.02
CA LYS A 418 -16.45 16.99 -21.39
C LYS A 418 -16.69 15.83 -22.38
N GLU A 419 -16.97 14.58 -21.90
CA GLU A 419 -17.09 13.38 -22.76
C GLU A 419 -15.75 13.26 -23.53
N GLU A 420 -14.62 13.33 -22.81
CA GLU A 420 -13.26 13.23 -23.39
C GLU A 420 -12.43 12.18 -22.64
N VAL A 421 -11.58 11.50 -23.39
CA VAL A 421 -10.56 10.58 -22.83
C VAL A 421 -9.23 11.06 -23.41
N THR A 422 -8.25 11.28 -22.56
CA THR A 422 -6.93 11.73 -23.00
C THR A 422 -5.90 10.68 -22.63
N ILE A 423 -5.09 10.26 -23.60
CA ILE A 423 -3.98 9.28 -23.35
C ILE A 423 -2.64 10.05 -23.41
N PHE A 424 -1.92 10.07 -22.31
CA PHE A 424 -0.56 10.63 -22.19
C PHE A 424 0.39 9.44 -22.38
N ALA A 425 1.39 9.56 -23.23
CA ALA A 425 2.35 8.47 -23.46
C ALA A 425 3.72 8.98 -23.83
N VAL A 426 4.75 8.44 -23.17
CA VAL A 426 6.16 8.60 -23.53
C VAL A 426 6.62 7.25 -24.09
N ASN A 427 7.31 7.34 -25.19
CA ASN A 427 8.14 6.26 -25.75
C ASN A 427 9.59 6.54 -25.41
N ARG A 428 10.14 5.76 -24.49
CA ARG A 428 11.55 5.86 -24.02
C ARG A 428 12.53 5.28 -25.05
N ASP A 429 12.03 4.59 -26.07
CA ASP A 429 12.90 3.85 -27.03
C ASP A 429 13.78 4.86 -27.83
N MET A 430 15.11 4.69 -27.78
CA MET A 430 16.09 5.57 -28.48
C MET A 430 16.17 5.24 -29.99
N GLU A 431 15.60 4.12 -30.45
CA GLU A 431 15.80 3.63 -31.86
C GLU A 431 14.42 3.48 -32.53
N ASP A 432 13.46 2.78 -31.89
CA ASP A 432 12.25 2.25 -32.57
C ASP A 432 11.00 3.04 -32.20
N ALA A 433 10.14 3.21 -33.21
CA ALA A 433 8.73 3.61 -33.00
C ALA A 433 8.02 2.51 -32.21
N LEU A 434 7.18 2.86 -31.26
CA LEU A 434 6.28 1.95 -30.57
C LEU A 434 4.92 1.99 -31.28
N LEU A 435 4.41 0.85 -31.77
CA LEU A 435 3.05 0.78 -32.35
C LEU A 435 2.10 0.42 -31.22
N LEU A 436 1.39 1.40 -30.71
CA LEU A 436 0.51 1.28 -29.53
C LEU A 436 -0.92 0.95 -30.01
N GLU A 437 -1.52 -0.09 -29.41
CA GLU A 437 -2.95 -0.48 -29.62
C GLU A 437 -3.63 -0.36 -28.27
N CYS A 438 -4.68 0.44 -28.20
CA CYS A 438 -5.46 0.76 -26.96
C CYS A 438 -6.87 0.22 -27.13
N ASP A 439 -7.26 -0.75 -26.29
CA ASP A 439 -8.66 -1.26 -26.26
C ASP A 439 -9.58 -0.25 -25.56
N VAL A 440 -10.50 0.38 -26.32
CA VAL A 440 -11.51 1.38 -25.85
C VAL A 440 -12.93 0.86 -26.08
N ARG A 441 -13.10 -0.46 -26.09
CA ARG A 441 -14.45 -1.10 -26.22
C ARG A 441 -15.45 -0.42 -25.24
N SER A 442 -15.02 0.00 -24.04
CA SER A 442 -15.89 0.44 -22.92
C SER A 442 -16.34 1.89 -23.10
N PHE A 443 -15.88 2.58 -24.16
CA PHE A 443 -16.20 4.00 -24.51
C PHE A 443 -16.99 4.07 -25.84
N GLU A 444 -18.31 4.20 -25.77
CA GLU A 444 -19.20 4.07 -26.96
C GLU A 444 -19.03 5.30 -27.85
N ASP A 445 -18.71 5.14 -29.15
CA ASP A 445 -18.91 6.21 -30.17
C ASP A 445 -17.91 7.36 -30.00
N TYR A 446 -16.66 7.03 -29.67
CA TYR A 446 -15.56 8.02 -29.52
C TYR A 446 -14.85 8.15 -30.88
N ARG A 447 -14.06 9.23 -31.00
CA ARG A 447 -13.22 9.55 -32.20
C ARG A 447 -11.93 10.19 -31.72
N VAL A 448 -10.89 10.12 -32.55
CA VAL A 448 -9.65 10.91 -32.32
C VAL A 448 -9.95 12.39 -32.61
N ILE A 449 -9.74 13.27 -31.62
CA ILE A 449 -9.76 14.73 -31.85
C ILE A 449 -8.42 15.13 -32.48
N GLU A 450 -7.34 14.76 -31.81
CA GLU A 450 -5.97 15.08 -32.27
C GLU A 450 -4.96 14.22 -31.53
N HIS A 451 -3.78 14.14 -32.12
CA HIS A 451 -2.60 13.48 -31.54
C HIS A 451 -1.47 14.48 -31.56
N ILE A 452 -1.18 15.05 -30.39
CA ILE A 452 -0.05 16.01 -30.23
C ILE A 452 1.24 15.22 -29.95
N VAL A 453 2.34 15.61 -30.53
CA VAL A 453 3.66 14.94 -30.35
C VAL A 453 4.70 16.01 -30.05
N LEU A 454 5.51 15.77 -29.04
CA LEU A 454 6.75 16.54 -28.78
C LEU A 454 7.91 15.55 -29.06
N GLU A 455 8.71 15.87 -30.06
CA GLU A 455 9.86 15.07 -30.51
C GLU A 455 10.92 16.00 -31.10
N HIS A 456 12.17 15.60 -30.97
CA HIS A 456 13.32 16.28 -31.62
C HIS A 456 14.41 15.23 -31.83
N ASP A 457 15.07 15.29 -32.98
CA ASP A 457 16.17 14.37 -33.34
C ASP A 457 17.30 14.45 -32.30
N ASN A 458 17.54 15.59 -31.65
CA ASN A 458 18.70 15.85 -30.77
C ASN A 458 18.19 16.00 -29.33
N VAL A 459 18.36 14.95 -28.51
CA VAL A 459 17.92 15.01 -27.08
C VAL A 459 18.54 16.20 -26.34
N LYS A 460 19.68 16.76 -26.76
CA LYS A 460 20.34 17.89 -26.06
C LYS A 460 19.88 19.25 -26.57
N GLN A 461 18.95 19.29 -27.53
CA GLN A 461 18.48 20.56 -28.11
C GLN A 461 17.71 21.35 -27.03
N THR A 462 18.02 22.63 -26.86
CA THR A 462 17.30 23.54 -25.94
C THR A 462 16.46 24.56 -26.75
N ASN A 463 15.58 25.25 -26.03
CA ASN A 463 14.90 26.47 -26.53
C ASN A 463 15.67 27.68 -26.00
N SER A 464 15.33 28.85 -26.54
CA SER A 464 15.94 30.13 -26.11
C SER A 464 14.99 31.28 -26.39
N ALA A 465 15.36 32.49 -25.98
CA ALA A 465 14.52 33.66 -26.31
C ALA A 465 14.33 33.79 -27.84
N GLN A 466 15.37 33.51 -28.62
CA GLN A 466 15.39 33.79 -30.11
C GLN A 466 14.62 32.73 -30.89
N SER A 467 14.67 31.50 -30.42
CA SER A 467 14.37 30.32 -31.27
C SER A 467 13.90 29.14 -30.41
N SER A 468 12.77 28.51 -30.80
CA SER A 468 12.23 27.32 -30.09
C SER A 468 12.15 26.18 -31.08
N PRO A 469 13.27 25.48 -31.28
CA PRO A 469 13.26 24.28 -32.14
C PRO A 469 12.43 23.14 -31.54
N VAL A 470 12.23 23.13 -30.22
CA VAL A 470 11.54 21.99 -29.54
C VAL A 470 10.14 22.47 -29.21
N VAL A 471 9.16 22.14 -30.06
CA VAL A 471 7.77 22.62 -29.86
C VAL A 471 6.85 21.52 -30.33
N PRO A 472 5.63 21.41 -29.77
CA PRO A 472 4.72 20.36 -30.20
C PRO A 472 4.22 20.55 -31.63
N HIS A 473 3.89 19.44 -32.29
CA HIS A 473 3.12 19.40 -33.55
C HIS A 473 1.85 18.57 -33.32
N ARG A 474 0.90 18.69 -34.23
CA ARG A 474 -0.41 18.01 -34.16
C ARG A 474 -0.51 16.95 -35.26
N ASN A 475 0.61 16.34 -35.67
CA ASN A 475 0.62 15.43 -36.86
C ASN A 475 0.79 13.96 -36.41
N GLY A 476 0.44 13.63 -35.17
CA GLY A 476 0.41 12.23 -34.71
C GLY A 476 -0.63 11.45 -35.51
N ASP A 477 -0.41 10.16 -35.71
CA ASP A 477 -1.24 9.35 -36.64
C ASP A 477 -2.33 8.56 -35.88
N ALA A 478 -2.57 8.78 -34.57
CA ALA A 478 -3.63 8.02 -33.86
C ALA A 478 -4.94 7.93 -34.65
N GLN A 479 -5.48 6.71 -34.78
CA GLN A 479 -6.75 6.42 -35.53
C GLN A 479 -7.55 5.52 -34.62
N LEU A 480 -8.84 5.77 -34.48
CA LEU A 480 -9.77 4.88 -33.75
C LEU A 480 -10.61 4.12 -34.77
N SER A 481 -10.51 2.80 -34.82
CA SER A 481 -11.40 1.86 -35.59
C SER A 481 -11.46 0.52 -34.85
N ASP A 482 -12.57 -0.17 -35.05
CA ASP A 482 -12.82 -1.51 -34.45
C ASP A 482 -12.64 -1.39 -32.93
N ARG A 483 -13.10 -0.27 -32.35
CA ARG A 483 -13.05 0.05 -30.90
C ARG A 483 -11.61 -0.04 -30.35
N LYS A 484 -10.58 0.12 -31.20
CA LYS A 484 -9.13 0.08 -30.85
C LYS A 484 -8.53 1.44 -31.30
N VAL A 485 -7.74 2.10 -30.44
CA VAL A 485 -6.94 3.25 -30.91
C VAL A 485 -5.58 2.68 -31.30
N SER A 486 -5.14 2.89 -32.55
CA SER A 486 -3.80 2.51 -33.02
C SER A 486 -3.01 3.81 -33.21
N ALA A 487 -1.82 3.89 -32.65
CA ALA A 487 -1.01 5.12 -32.71
C ALA A 487 0.46 4.74 -32.75
N THR A 488 1.17 5.35 -33.68
CA THR A 488 2.64 5.31 -33.73
C THR A 488 3.21 6.33 -32.75
N LEU A 489 3.96 5.85 -31.77
CA LEU A 489 4.70 6.76 -30.86
C LEU A 489 6.14 6.79 -31.36
N PRO A 490 6.60 7.92 -31.97
CA PRO A 490 7.96 7.95 -32.49
C PRO A 490 8.99 7.66 -31.38
N LYS A 491 10.17 7.22 -31.78
CA LYS A 491 11.34 7.06 -30.86
C LYS A 491 11.45 8.37 -30.04
N LEU A 492 11.74 8.24 -28.76
CA LEU A 492 12.00 9.39 -27.88
C LEU A 492 10.93 10.48 -28.05
N SER A 493 9.68 10.20 -27.66
CA SER A 493 8.57 11.18 -27.84
C SER A 493 7.61 11.23 -26.65
N TRP A 494 6.99 12.39 -26.53
CA TRP A 494 5.85 12.67 -25.64
C TRP A 494 4.62 12.80 -26.53
N ASN A 495 3.51 12.22 -26.12
CA ASN A 495 2.32 12.09 -26.98
C ASN A 495 1.09 12.37 -26.14
N VAL A 496 0.17 13.17 -26.68
CA VAL A 496 -1.15 13.39 -26.05
C VAL A 496 -2.21 13.04 -27.08
N ILE A 497 -2.90 11.91 -26.90
CA ILE A 497 -3.95 11.46 -27.83
C ILE A 497 -5.27 11.81 -27.18
N ARG A 498 -5.99 12.75 -27.79
CA ARG A 498 -7.28 13.25 -27.27
C ARG A 498 -8.42 12.60 -28.04
N LEU A 499 -9.33 11.99 -27.30
CA LEU A 499 -10.56 11.33 -27.81
C LEU A 499 -11.79 12.08 -27.30
N GLY A 500 -12.84 12.19 -28.12
CA GLY A 500 -14.16 12.62 -27.66
C GLY A 500 -15.29 11.99 -28.45
N LYS A 501 -16.51 12.53 -28.29
CA LYS A 501 -17.80 12.20 -28.95
C LYS A 501 -18.44 11.03 -28.18
N THR B 3 -35.98 -8.50 -2.99
CA THR B 3 -34.58 -8.68 -3.51
C THR B 3 -33.82 -7.35 -3.63
N LYS B 4 -32.49 -7.45 -3.73
CA LYS B 4 -31.57 -6.36 -4.14
C LYS B 4 -30.74 -6.79 -5.36
N LYS B 5 -30.19 -5.82 -6.11
CA LYS B 5 -29.27 -6.05 -7.27
C LYS B 5 -27.83 -5.78 -6.84
N ALA B 6 -26.91 -6.65 -7.29
CA ALA B 6 -25.47 -6.33 -7.29
C ALA B 6 -24.85 -6.73 -8.62
N THR B 7 -23.78 -6.00 -9.02
CA THR B 7 -23.01 -6.29 -10.23
C THR B 7 -21.54 -6.51 -9.89
N MET B 8 -20.92 -7.36 -10.70
CA MET B 8 -19.49 -7.68 -10.57
C MET B 8 -18.91 -7.85 -11.97
N ILE B 9 -17.82 -7.18 -12.26
CA ILE B 9 -17.06 -7.43 -13.51
C ILE B 9 -16.00 -8.52 -13.28
N ILE B 10 -16.00 -9.53 -14.13
CA ILE B 10 -15.03 -10.68 -14.08
C ILE B 10 -14.13 -10.55 -15.33
N GLU B 11 -13.09 -9.70 -15.20
CA GLU B 11 -12.21 -9.35 -16.36
CA GLU B 11 -12.18 -9.28 -16.31
C GLU B 11 -10.88 -10.11 -16.25
N LYS B 12 -10.69 -10.98 -17.17
CA LYS B 12 -9.52 -11.86 -17.28
C LYS B 12 -8.21 -11.07 -17.13
N ASP B 13 -8.11 -9.87 -17.71
CA ASP B 13 -6.83 -9.15 -17.77
C ASP B 13 -6.62 -8.25 -16.53
N PHE B 14 -7.57 -8.15 -15.61
CA PHE B 14 -7.40 -7.35 -14.38
C PHE B 14 -7.21 -8.34 -13.25
N LYS B 15 -5.94 -8.59 -12.91
CA LYS B 15 -5.54 -9.68 -12.00
C LYS B 15 -5.00 -9.09 -10.70
N ILE B 16 -5.21 -9.80 -9.59
CA ILE B 16 -4.52 -9.53 -8.32
C ILE B 16 -3.18 -10.25 -8.32
N ALA B 17 -3.21 -11.58 -8.32
CA ALA B 17 -2.00 -12.41 -8.31
C ALA B 17 -2.43 -13.88 -8.34
N GLU B 18 -1.46 -14.71 -8.66
CA GLU B 18 -1.54 -16.15 -8.47
C GLU B 18 -1.78 -16.41 -6.96
N ILE B 19 -2.78 -17.20 -6.64
CA ILE B 19 -3.02 -17.68 -5.27
C ILE B 19 -1.95 -18.72 -4.91
N ASP B 20 -1.22 -18.45 -3.83
CA ASP B 20 -0.33 -19.48 -3.27
C ASP B 20 -1.21 -20.47 -2.52
N LYS B 21 -1.13 -21.76 -2.89
CA LYS B 21 -2.01 -22.77 -2.27
C LYS B 21 -1.82 -22.85 -0.77
N ARG B 22 -0.71 -22.34 -0.24
CA ARG B 22 -0.51 -22.37 1.22
C ARG B 22 -1.46 -21.43 1.94
N ILE B 23 -2.25 -20.61 1.27
CA ILE B 23 -3.31 -19.86 2.02
C ILE B 23 -4.42 -20.80 2.48
N TYR B 24 -4.41 -22.07 2.01
CA TYR B 24 -5.37 -23.10 2.49
C TYR B 24 -4.70 -23.99 3.52
N GLY B 25 -3.74 -23.50 4.25
CA GLY B 25 -3.07 -24.29 5.29
C GLY B 25 -3.91 -24.41 6.55
N SER B 26 -3.40 -25.17 7.49
CA SER B 26 -4.01 -25.32 8.81
C SER B 26 -2.91 -25.54 9.87
N PHE B 27 -3.28 -26.11 11.02
CA PHE B 27 -2.57 -25.90 12.30
CA PHE B 27 -2.45 -25.98 12.23
C PHE B 27 -2.91 -27.02 13.25
N ILE B 28 -1.90 -27.66 13.82
CA ILE B 28 -2.11 -28.65 14.92
C ILE B 28 -1.13 -28.29 16.04
N GLU B 29 -1.68 -28.05 17.22
CA GLU B 29 -0.90 -27.83 18.44
C GLU B 29 -1.12 -28.99 19.43
N HIS B 30 -0.12 -29.16 20.29
CA HIS B 30 -0.28 -30.00 21.51
C HIS B 30 -1.19 -29.27 22.53
N LEU B 31 -2.47 -29.31 22.23
CA LEU B 31 -3.55 -28.61 22.98
C LEU B 31 -4.75 -29.56 23.01
N GLY B 32 -5.31 -29.75 24.19
CA GLY B 32 -6.59 -30.47 24.29
C GLY B 32 -6.50 -31.80 23.56
N ARG B 33 -7.50 -32.07 22.73
CA ARG B 33 -7.63 -33.34 21.99
CA ARG B 33 -7.56 -33.36 22.00
C ARG B 33 -7.19 -33.17 20.53
N ALA B 34 -6.43 -32.15 20.19
CA ALA B 34 -5.99 -32.02 18.79
C ALA B 34 -5.11 -33.21 18.39
N VAL B 35 -4.13 -33.53 19.23
CA VAL B 35 -3.22 -34.64 18.94
C VAL B 35 -3.84 -35.91 19.59
N TYR B 36 -3.95 -35.92 20.90
CA TYR B 36 -4.37 -37.11 21.63
C TYR B 36 -5.90 -37.23 21.57
N GLY B 37 -6.41 -38.20 20.84
CA GLY B 37 -7.84 -38.31 20.55
C GLY B 37 -8.32 -37.60 19.28
N GLY B 38 -7.40 -36.90 18.61
CA GLY B 38 -7.71 -36.18 17.36
C GLY B 38 -7.00 -36.88 16.23
N ILE B 39 -5.76 -36.54 15.95
CA ILE B 39 -5.04 -37.29 14.87
C ILE B 39 -4.64 -38.71 15.35
N TYR B 40 -4.38 -38.88 16.64
CA TYR B 40 -3.72 -40.09 17.20
C TYR B 40 -4.60 -40.65 18.29
N GLU B 41 -5.04 -41.91 18.10
CA GLU B 41 -5.88 -42.61 19.10
C GLU B 41 -5.69 -44.11 18.91
N PRO B 42 -4.59 -44.66 19.49
CA PRO B 42 -4.23 -46.07 19.34
C PRO B 42 -5.43 -46.95 19.66
N GLY B 43 -6.27 -46.66 20.66
CA GLY B 43 -7.34 -47.69 20.89
C GLY B 43 -8.40 -47.84 19.74
N HIS B 44 -8.44 -46.91 18.79
CA HIS B 44 -9.66 -46.64 17.97
C HIS B 44 -9.85 -47.72 16.91
N PRO B 45 -11.09 -48.07 16.55
CA PRO B 45 -11.31 -49.07 15.53
C PRO B 45 -10.75 -48.74 14.16
N GLN B 46 -10.63 -47.46 13.84
CA GLN B 46 -10.09 -46.97 12.55
C GLN B 46 -8.61 -46.55 12.68
N ALA B 47 -7.95 -46.85 13.79
CA ALA B 47 -6.51 -46.51 13.93
C ALA B 47 -5.69 -47.38 12.97
N ASP B 48 -4.67 -46.79 12.39
CA ASP B 48 -3.71 -47.50 11.51
C ASP B 48 -2.60 -48.12 12.37
N GLU B 49 -1.57 -48.65 11.73
CA GLU B 49 -0.41 -49.38 12.32
C GLU B 49 0.31 -48.42 13.29
N ASN B 50 0.26 -47.13 13.07
CA ASN B 50 1.00 -46.12 13.86
C ASN B 50 0.05 -45.42 14.86
N GLY B 51 -1.20 -45.87 15.00
CA GLY B 51 -2.16 -45.29 15.96
C GLY B 51 -2.92 -44.07 15.41
N PHE B 52 -2.78 -43.79 14.15
CA PHE B 52 -3.43 -42.59 13.55
C PHE B 52 -4.83 -42.95 13.09
N ARG B 53 -5.79 -42.10 13.41
CA ARG B 53 -7.20 -42.29 12.98
C ARG B 53 -7.33 -42.14 11.48
N GLN B 54 -7.78 -43.19 10.81
CA GLN B 54 -7.94 -43.13 9.34
C GLN B 54 -9.10 -42.20 8.95
N ASP B 55 -10.14 -42.13 9.74
CA ASP B 55 -11.34 -41.29 9.45
C ASP B 55 -10.90 -39.82 9.43
N VAL B 56 -10.08 -39.43 10.38
CA VAL B 56 -9.50 -38.06 10.43
C VAL B 56 -8.61 -37.81 9.21
N ILE B 57 -7.77 -38.79 8.89
CA ILE B 57 -6.88 -38.70 7.70
C ILE B 57 -7.74 -38.43 6.45
N GLU B 58 -8.83 -39.17 6.25
CA GLU B 58 -9.68 -38.97 5.05
C GLU B 58 -10.29 -37.54 5.03
N LEU B 59 -10.77 -37.08 6.18
CA LEU B 59 -11.45 -35.74 6.29
C LEU B 59 -10.45 -34.64 6.01
N VAL B 60 -9.21 -34.79 6.43
CA VAL B 60 -8.15 -33.78 6.17
C VAL B 60 -7.86 -33.85 4.66
N LYS B 61 -7.64 -35.05 4.09
CA LYS B 61 -7.28 -35.15 2.65
C LYS B 61 -8.36 -34.46 1.80
N GLU B 62 -9.62 -34.58 2.18
CA GLU B 62 -10.70 -33.96 1.37
C GLU B 62 -10.61 -32.41 1.42
N LEU B 63 -10.00 -31.86 2.46
CA LEU B 63 -9.79 -30.39 2.51
C LEU B 63 -8.58 -29.96 1.68
N GLN B 64 -7.71 -30.89 1.25
CA GLN B 64 -6.53 -30.59 0.39
CA GLN B 64 -6.53 -30.58 0.38
C GLN B 64 -5.65 -29.52 1.06
N VAL B 65 -5.43 -29.67 2.35
CA VAL B 65 -4.58 -28.78 3.15
C VAL B 65 -3.14 -28.96 2.75
N PRO B 66 -2.44 -27.93 2.25
CA PRO B 66 -1.09 -28.18 1.77
C PRO B 66 0.05 -28.08 2.79
N ILE B 67 -0.23 -27.36 3.90
CA ILE B 67 0.79 -27.05 4.90
C ILE B 67 0.11 -26.98 6.26
N ILE B 68 0.78 -27.51 7.26
CA ILE B 68 0.27 -27.51 8.64
C ILE B 68 1.31 -27.01 9.60
N ARG B 69 0.99 -25.95 10.31
CA ARG B 69 1.88 -25.40 11.37
CA ARG B 69 1.84 -25.40 11.37
C ARG B 69 1.80 -26.33 12.59
N TYR B 70 2.93 -26.52 13.23
CA TYR B 70 3.12 -27.47 14.35
C TYR B 70 4.42 -27.09 15.07
N PRO B 71 4.60 -27.29 16.40
CA PRO B 71 3.63 -27.82 17.36
C PRO B 71 2.85 -26.82 18.19
N GLY B 72 3.02 -25.54 17.81
CA GLY B 72 2.26 -24.46 18.43
C GLY B 72 2.56 -23.16 17.75
N GLY B 73 1.82 -22.11 18.14
CA GLY B 73 0.92 -22.12 19.26
C GLY B 73 1.60 -21.87 20.59
N ASN B 74 0.76 -21.48 21.57
CA ASN B 74 1.25 -21.13 22.91
C ASN B 74 2.16 -22.22 23.51
N PHE B 75 1.80 -23.46 23.24
CA PHE B 75 2.59 -24.64 23.73
C PHE B 75 4.07 -24.52 23.42
N VAL B 76 4.43 -24.03 22.22
CA VAL B 76 5.83 -24.16 21.79
C VAL B 76 6.78 -23.35 22.66
N SER B 77 6.27 -22.22 23.23
CA SER B 77 7.14 -21.28 23.91
C SER B 77 7.73 -21.80 25.23
N GLY B 78 7.18 -22.99 25.69
CA GLY B 78 7.76 -23.66 26.86
C GLY B 78 8.21 -25.09 26.55
N TYR B 79 8.29 -25.48 25.31
CA TYR B 79 8.51 -26.92 24.89
C TYR B 79 9.94 -27.11 24.56
N ASN B 80 10.46 -28.31 24.97
CA ASN B 80 11.81 -28.72 24.58
C ASN B 80 11.68 -29.81 23.50
N TRP B 81 12.12 -29.60 22.28
CA TRP B 81 11.89 -30.57 21.19
C TRP B 81 12.54 -31.92 21.51
N GLU B 82 13.62 -31.95 22.29
CA GLU B 82 14.30 -33.26 22.56
C GLU B 82 13.35 -34.11 23.37
N ASP B 83 12.45 -33.57 24.14
CA ASP B 83 11.53 -34.32 25.02
C ASP B 83 10.60 -35.20 24.21
N GLY B 84 10.43 -34.93 22.93
CA GLY B 84 9.48 -35.65 22.08
C GLY B 84 10.14 -36.52 21.03
N VAL B 85 11.46 -36.73 21.13
CA VAL B 85 12.12 -37.64 20.18
C VAL B 85 12.86 -38.78 20.97
N GLY B 86 13.12 -39.83 20.21
CA GLY B 86 13.83 -40.97 20.78
C GLY B 86 12.89 -41.93 21.48
N PRO B 87 13.47 -42.99 22.10
CA PRO B 87 12.63 -43.99 22.73
C PRO B 87 11.60 -43.46 23.69
N LYS B 88 10.39 -43.99 23.65
CA LYS B 88 9.29 -43.51 24.51
C LYS B 88 9.70 -43.56 25.98
N GLU B 89 10.37 -44.60 26.48
CA GLU B 89 10.68 -44.75 27.92
C GLU B 89 11.44 -43.55 28.42
N GLN B 90 12.21 -42.90 27.55
CA GLN B 90 13.14 -41.83 27.99
C GLN B 90 12.45 -40.44 27.82
N ARG B 91 11.21 -40.38 27.29
CA ARG B 91 10.53 -39.08 27.09
C ARG B 91 9.89 -38.68 28.41
N PRO B 92 10.18 -37.47 28.94
CA PRO B 92 9.60 -37.07 30.21
C PRO B 92 8.15 -36.59 30.13
N ARG B 93 7.44 -36.70 31.21
CA ARG B 93 6.14 -36.03 31.36
C ARG B 93 6.41 -34.59 31.84
N ARG B 94 5.79 -33.64 31.14
CA ARG B 94 6.05 -32.21 31.41
C ARG B 94 4.72 -31.51 31.79
N LEU B 95 4.93 -30.44 32.59
CA LEU B 95 3.83 -29.46 32.80
C LEU B 95 3.82 -28.48 31.62
N ASP B 96 2.83 -28.56 30.77
CA ASP B 96 2.56 -27.50 29.75
C ASP B 96 1.88 -26.32 30.45
N LEU B 97 2.67 -25.23 30.58
CA LEU B 97 2.12 -24.06 31.29
C LEU B 97 1.17 -23.28 30.39
N ALA B 98 1.20 -23.46 29.11
CA ALA B 98 0.31 -22.72 28.19
C ALA B 98 -1.14 -23.09 28.44
N TRP B 99 -1.40 -24.41 28.60
CA TRP B 99 -2.77 -24.95 28.69
C TRP B 99 -2.97 -25.74 29.99
N LYS B 100 -2.09 -25.57 30.97
CA LYS B 100 -2.23 -26.15 32.32
C LYS B 100 -2.54 -27.66 32.20
N SER B 101 -1.80 -28.34 31.34
CA SER B 101 -2.01 -29.79 31.08
C SER B 101 -0.71 -30.54 31.35
N VAL B 102 -0.81 -31.86 31.58
CA VAL B 102 0.40 -32.72 31.55
C VAL B 102 0.57 -33.22 30.11
N GLU B 103 1.72 -32.92 29.52
CA GLU B 103 2.10 -33.42 28.20
C GLU B 103 2.96 -34.67 28.36
N THR B 104 2.52 -35.77 27.79
CA THR B 104 3.29 -37.06 27.92
C THR B 104 4.42 -37.13 26.90
N ASN B 105 4.36 -36.34 25.82
CA ASN B 105 5.32 -36.45 24.73
C ASN B 105 5.28 -37.83 24.04
N GLU B 106 4.16 -38.55 24.16
CA GLU B 106 3.98 -39.82 23.42
C GLU B 106 4.02 -39.59 21.90
N ILE B 107 3.50 -38.41 21.49
CA ILE B 107 3.72 -37.87 20.13
C ILE B 107 4.78 -36.77 20.23
N GLY B 108 5.77 -36.85 19.39
CA GLY B 108 6.70 -35.73 19.12
C GLY B 108 6.96 -35.55 17.65
N LEU B 109 8.04 -34.79 17.29
CA LEU B 109 8.03 -34.25 15.93
C LEU B 109 8.13 -35.36 14.88
N ASN B 110 8.84 -36.48 15.18
CA ASN B 110 9.00 -37.47 14.10
C ASN B 110 7.67 -38.21 13.83
N GLU B 111 6.87 -38.45 14.87
CA GLU B 111 5.55 -39.07 14.66
C GLU B 111 4.61 -38.10 13.94
N PHE B 112 4.75 -36.80 14.26
CA PHE B 112 3.91 -35.79 13.55
C PHE B 112 4.28 -35.81 12.06
N MET B 113 5.57 -35.90 11.74
CA MET B 113 5.99 -35.95 10.32
C MET B 113 5.38 -37.18 9.65
N ASP B 114 5.34 -38.32 10.35
CA ASP B 114 4.69 -39.51 9.80
C ASP B 114 3.21 -39.22 9.48
N TRP B 115 2.50 -38.55 10.38
CA TRP B 115 1.06 -38.26 10.17
C TRP B 115 0.92 -37.28 8.98
N ALA B 116 1.75 -36.25 8.91
CA ALA B 116 1.68 -35.21 7.86
C ALA B 116 1.88 -35.91 6.50
N LYS B 117 2.70 -36.97 6.45
CA LYS B 117 2.91 -37.67 5.18
C LYS B 117 1.62 -38.36 4.74
N MET B 118 0.86 -38.84 5.67
CA MET B 118 -0.37 -39.63 5.33
CA MET B 118 -0.39 -39.61 5.38
C MET B 118 -1.45 -38.65 4.81
N VAL B 119 -1.40 -37.37 5.23
CA VAL B 119 -2.44 -36.40 4.72
C VAL B 119 -1.88 -35.56 3.57
N GLY B 120 -0.62 -35.76 3.14
CA GLY B 120 0.00 -35.06 2.02
C GLY B 120 0.30 -33.58 2.31
N ALA B 121 0.52 -33.24 3.57
CA ALA B 121 0.82 -31.85 3.94
C ALA B 121 2.31 -31.74 4.26
N GLU B 122 2.91 -30.62 3.87
CA GLU B 122 4.19 -30.23 4.45
C GLU B 122 3.96 -29.63 5.85
N VAL B 123 5.01 -29.58 6.65
CA VAL B 123 4.93 -29.05 8.03
C VAL B 123 5.65 -27.70 8.09
N ASN B 124 4.94 -26.75 8.68
CA ASN B 124 5.51 -25.43 9.04
C ASN B 124 5.94 -25.55 10.52
N MET B 125 7.22 -25.81 10.76
CA MET B 125 7.71 -26.11 12.11
C MET B 125 8.02 -24.85 12.88
N ALA B 126 7.49 -24.77 14.08
CA ALA B 126 7.77 -23.63 14.97
C ALA B 126 8.89 -23.95 15.94
N VAL B 127 9.82 -23.03 16.23
CA VAL B 127 10.86 -23.14 17.24
C VAL B 127 10.47 -22.37 18.48
N ASN B 128 10.88 -22.81 19.65
CA ASN B 128 10.68 -22.16 20.95
C ASN B 128 11.68 -21.00 21.08
N LEU B 129 11.12 -19.76 21.13
CA LEU B 129 11.92 -18.55 21.51
C LEU B 129 11.37 -17.93 22.77
N GLY B 130 10.66 -18.63 23.62
CA GLY B 130 10.23 -18.26 24.94
C GLY B 130 11.27 -18.57 25.97
N THR B 131 11.34 -19.89 26.31
CA THR B 131 12.34 -20.38 27.26
C THR B 131 13.67 -20.77 26.58
N ARG B 132 13.68 -20.85 25.25
CA ARG B 132 14.89 -21.23 24.55
C ARG B 132 15.33 -20.24 23.48
N GLY B 133 16.38 -20.44 22.79
CA GLY B 133 17.01 -19.46 21.92
C GLY B 133 17.75 -20.02 20.76
N ILE B 134 18.85 -19.38 20.41
CA ILE B 134 19.48 -19.65 19.12
C ILE B 134 20.12 -21.08 19.07
N ASP B 135 20.69 -21.53 20.19
CA ASP B 135 21.33 -22.88 20.11
C ASP B 135 20.27 -23.93 19.82
N ALA B 136 19.17 -23.90 20.50
CA ALA B 136 18.13 -24.90 20.25
C ALA B 136 17.57 -24.78 18.84
N ALA B 137 17.54 -23.56 18.29
CA ALA B 137 17.00 -23.39 16.94
C ALA B 137 17.92 -24.02 15.87
N ARG B 138 19.19 -23.75 15.95
CA ARG B 138 20.12 -24.39 14.99
C ARG B 138 20.06 -25.93 15.18
N ASN B 139 20.05 -26.38 16.41
CA ASN B 139 20.14 -27.87 16.60
C ASN B 139 18.89 -28.49 16.05
N LEU B 140 17.71 -27.90 16.17
CA LEU B 140 16.50 -28.51 15.64
C LEU B 140 16.55 -28.55 14.15
N VAL B 141 16.99 -27.47 13.50
CA VAL B 141 17.10 -27.46 12.04
C VAL B 141 18.10 -28.56 11.62
N GLU B 142 19.21 -28.65 12.29
CA GLU B 142 20.19 -29.72 11.95
C GLU B 142 19.55 -31.13 12.10
N TYR B 143 18.89 -31.36 13.22
CA TYR B 143 18.24 -32.68 13.49
C TYR B 143 17.29 -32.95 12.34
N CYS B 144 16.47 -32.01 11.92
CA CYS B 144 15.43 -32.25 10.93
C CYS B 144 15.98 -32.32 9.50
N ASN B 145 16.97 -31.48 9.15
CA ASN B 145 17.26 -31.21 7.74
C ASN B 145 18.65 -31.66 7.30
N HIS B 146 19.60 -31.72 8.21
CA HIS B 146 20.99 -32.10 7.81
C HIS B 146 21.05 -33.60 7.53
N PRO B 147 21.63 -34.01 6.38
CA PRO B 147 21.47 -35.43 6.02
C PRO B 147 22.04 -36.46 7.03
N SER B 148 23.29 -36.28 7.42
CA SER B 148 24.08 -37.21 8.24
C SER B 148 25.43 -36.64 8.61
N GLY B 149 26.18 -37.34 9.47
CA GLY B 149 27.59 -37.04 9.71
C GLY B 149 27.84 -35.95 10.73
N SER B 150 26.80 -35.60 11.47
CA SER B 150 26.92 -34.72 12.65
C SER B 150 26.16 -35.35 13.81
N TYR B 151 26.39 -34.89 15.05
CA TYR B 151 25.71 -35.51 16.21
C TYR B 151 24.19 -35.54 15.92
N TYR B 152 23.57 -34.34 15.67
CA TYR B 152 22.10 -34.26 15.66
C TYR B 152 21.51 -34.93 14.41
N SER B 153 22.16 -34.90 13.27
CA SER B 153 21.64 -35.58 12.04
C SER B 153 21.72 -37.11 12.26
N ASP B 154 22.83 -37.55 12.80
CA ASP B 154 22.96 -39.01 13.07
C ASP B 154 22.00 -39.41 14.16
N LEU B 155 21.62 -38.52 15.05
CA LEU B 155 20.65 -38.84 16.12
C LEU B 155 19.30 -39.05 15.50
N ARG B 156 18.83 -38.24 14.54
CA ARG B 156 17.55 -38.48 13.85
C ARG B 156 17.61 -39.87 13.16
N ILE B 157 18.72 -40.17 12.52
CA ILE B 157 18.85 -41.50 11.83
C ILE B 157 18.69 -42.55 12.92
N ALA B 158 19.36 -42.43 14.06
CA ALA B 158 19.28 -43.44 15.17
C ALA B 158 17.88 -43.59 15.69
N HIS B 159 17.08 -42.53 15.64
CA HIS B 159 15.69 -42.51 16.09
C HIS B 159 14.72 -43.11 15.04
N GLY B 160 15.24 -43.56 13.91
CA GLY B 160 14.45 -44.33 12.91
C GLY B 160 14.15 -43.61 11.63
N TYR B 161 14.75 -42.41 11.43
CA TYR B 161 14.31 -41.56 10.29
C TYR B 161 15.53 -41.26 9.45
N LYS B 162 15.86 -42.14 8.53
CA LYS B 162 17.15 -42.07 7.84
C LYS B 162 17.12 -40.81 6.99
N GLU B 163 16.08 -40.58 6.20
CA GLU B 163 16.06 -39.42 5.26
C GLU B 163 15.68 -38.20 6.10
N PRO B 164 16.36 -37.07 5.90
CA PRO B 164 15.96 -35.85 6.60
C PRO B 164 14.55 -35.44 6.27
N HIS B 165 13.88 -34.84 7.23
CA HIS B 165 12.53 -34.27 7.01
C HIS B 165 12.51 -33.18 5.91
N LYS B 166 13.56 -32.38 5.78
CA LYS B 166 13.68 -31.33 4.74
C LYS B 166 12.48 -30.36 4.90
N ILE B 167 12.30 -29.83 6.08
CA ILE B 167 11.26 -28.81 6.39
C ILE B 167 11.65 -27.47 5.73
N LYS B 168 10.73 -26.95 4.92
CA LYS B 168 11.00 -25.73 4.15
C LYS B 168 10.77 -24.47 5.01
N THR B 169 9.66 -24.38 5.68
CA THR B 169 9.17 -23.11 6.25
C THR B 169 9.11 -23.24 7.79
N TRP B 170 9.79 -22.32 8.47
CA TRP B 170 9.91 -22.38 9.93
C TRP B 170 9.33 -21.13 10.58
N CYS B 171 8.75 -21.20 11.73
CA CYS B 171 8.24 -20.07 12.53
C CYS B 171 9.20 -19.77 13.61
N LEU B 172 9.61 -18.49 13.74
CA LEU B 172 10.49 -17.99 14.79
C LEU B 172 9.68 -17.69 16.01
N GLY B 173 9.36 -18.69 16.85
CA GLY B 173 8.53 -18.55 18.03
C GLY B 173 7.05 -18.40 17.76
N ASN B 174 6.31 -18.12 18.81
CA ASN B 174 4.83 -17.96 18.79
C ASN B 174 4.41 -16.80 19.69
N GLU B 175 3.51 -15.97 19.12
CA GLU B 175 2.80 -14.94 19.95
C GLU B 175 3.72 -14.32 20.97
N MET B 176 4.90 -13.83 20.54
N MET B 176 4.87 -13.80 20.50
CA MET B 176 5.87 -13.35 21.57
CA MET B 176 5.91 -13.32 21.44
C MET B 176 5.44 -12.01 22.19
C MET B 176 5.51 -11.99 22.11
N ASP B 177 4.58 -11.29 21.46
CA ASP B 177 4.07 -10.01 21.96
C ASP B 177 3.11 -10.14 23.10
N GLY B 178 2.59 -11.35 23.34
CA GLY B 178 1.50 -11.51 24.29
C GLY B 178 2.01 -11.63 25.73
N PRO B 179 1.41 -10.88 26.67
CA PRO B 179 1.72 -11.05 28.09
C PRO B 179 1.37 -12.46 28.60
N TRP B 180 0.48 -13.14 27.93
CA TRP B 180 0.07 -14.52 28.24
C TRP B 180 1.15 -15.48 27.80
N GLN B 181 2.18 -15.12 27.05
CA GLN B 181 3.13 -16.09 26.46
C GLN B 181 4.17 -16.43 27.50
N ILE B 182 4.56 -17.73 27.50
CA ILE B 182 5.75 -18.13 28.23
C ILE B 182 6.98 -17.46 27.62
N GLY B 183 7.78 -16.76 28.42
CA GLY B 183 8.93 -16.07 27.84
C GLY B 183 8.57 -14.96 26.83
N HIS B 184 7.47 -14.27 27.10
CA HIS B 184 7.15 -12.99 26.37
C HIS B 184 8.43 -12.18 26.26
N LYS B 185 8.50 -11.50 25.11
CA LYS B 185 9.59 -10.58 24.81
C LYS B 185 8.97 -9.28 24.26
N THR B 186 9.67 -8.20 24.58
CA THR B 186 9.34 -6.91 23.93
C THR B 186 9.69 -7.03 22.49
N ALA B 187 9.28 -6.02 21.67
CA ALA B 187 9.59 -6.09 20.26
C ALA B 187 11.09 -6.06 20.03
N VAL B 188 11.84 -5.31 20.79
CA VAL B 188 13.29 -5.25 20.64
C VAL B 188 13.87 -6.64 21.05
N GLU B 189 13.49 -7.08 22.23
CA GLU B 189 14.06 -8.40 22.70
C GLU B 189 13.76 -9.48 21.64
N TYR B 190 12.54 -9.51 21.15
CA TYR B 190 12.12 -10.50 20.15
C TYR B 190 12.84 -10.32 18.89
N GLY B 191 12.83 -9.06 18.38
CA GLY B 191 13.49 -8.86 17.11
C GLY B 191 14.96 -9.30 17.15
N ARG B 192 15.65 -9.00 18.23
CA ARG B 192 17.07 -9.40 18.36
C ARG B 192 17.25 -10.98 18.37
N ILE B 193 16.46 -11.61 19.20
CA ILE B 193 16.68 -13.13 19.28
C ILE B 193 16.20 -13.72 17.99
N ALA B 194 15.16 -13.21 17.35
CA ALA B 194 14.67 -13.74 16.08
C ALA B 194 15.72 -13.54 15.00
N CYS B 195 16.38 -12.37 14.96
CA CYS B 195 17.45 -12.11 14.00
C CYS B 195 18.57 -13.19 14.17
N GLU B 196 19.02 -13.33 15.40
CA GLU B 196 20.20 -14.22 15.64
C GLU B 196 19.77 -15.71 15.45
N ALA B 197 18.55 -16.04 15.76
CA ALA B 197 18.07 -17.45 15.49
C ALA B 197 17.96 -17.64 14.01
N ALA B 198 17.39 -16.70 13.25
CA ALA B 198 17.21 -16.84 11.83
C ALA B 198 18.55 -17.05 11.15
N LYS B 199 19.56 -16.33 11.54
CA LYS B 199 20.90 -16.48 10.95
C LYS B 199 21.42 -17.96 11.12
N VAL B 200 21.41 -18.43 12.33
CA VAL B 200 22.01 -19.80 12.52
C VAL B 200 21.13 -20.84 11.86
N MET B 201 19.85 -20.69 11.79
CA MET B 201 18.96 -21.64 11.12
C MET B 201 19.30 -21.71 9.65
N LYS B 202 19.45 -20.56 8.97
N LYS B 202 19.45 -20.54 9.04
CA LYS B 202 19.76 -20.55 7.52
CA LYS B 202 19.74 -20.46 7.61
C LYS B 202 21.24 -20.90 7.26
C LYS B 202 21.18 -20.92 7.31
N TRP B 203 22.14 -20.73 8.24
CA TRP B 203 23.49 -21.25 8.06
C TRP B 203 23.50 -22.82 8.10
N VAL B 204 22.62 -23.41 8.91
CA VAL B 204 22.49 -24.91 8.83
C VAL B 204 21.92 -25.26 7.47
N ASP B 205 20.86 -24.59 7.02
CA ASP B 205 20.14 -25.00 5.79
C ASP B 205 19.64 -23.75 5.06
N PRO B 206 20.39 -23.23 4.07
CA PRO B 206 19.99 -21.97 3.43
C PRO B 206 18.75 -22.11 2.53
N THR B 207 18.22 -23.31 2.31
CA THR B 207 17.01 -23.52 1.50
C THR B 207 15.77 -23.14 2.31
N ILE B 208 15.86 -22.99 3.63
CA ILE B 208 14.64 -22.73 4.42
C ILE B 208 14.13 -21.28 4.19
N GLU B 209 12.89 -21.08 4.59
CA GLU B 209 12.33 -19.72 4.76
CA GLU B 209 12.16 -19.80 4.73
C GLU B 209 11.79 -19.59 6.17
N LEU B 210 11.70 -18.33 6.60
CA LEU B 210 11.40 -18.00 8.00
C LEU B 210 10.22 -17.06 8.09
N VAL B 211 9.38 -17.31 9.06
CA VAL B 211 8.24 -16.48 9.44
C VAL B 211 8.57 -15.88 10.77
N VAL B 212 8.62 -14.50 10.79
CA VAL B 212 8.79 -13.76 12.04
C VAL B 212 7.42 -13.42 12.62
N CYS B 213 7.37 -13.33 13.90
N CYS B 213 7.31 -13.37 13.93
CA CYS B 213 6.10 -13.15 14.61
CA CYS B 213 6.03 -13.11 14.66
CA CYS B 213 5.85 -13.25 14.54
C CYS B 213 5.56 -11.70 14.59
C CYS B 213 5.60 -11.65 14.45
N GLY B 214 4.37 -11.49 14.01
CA GLY B 214 3.68 -10.19 14.11
C GLY B 214 2.78 -10.14 15.30
N SER B 215 1.82 -9.26 15.27
CA SER B 215 0.89 -9.08 16.35
C SER B 215 -0.05 -10.32 16.49
N SER B 216 -0.45 -10.52 17.70
CA SER B 216 -1.39 -11.62 18.02
C SER B 216 -2.84 -11.35 17.81
N ASN B 217 -3.20 -10.06 17.53
CA ASN B 217 -4.53 -9.67 17.07
C ASN B 217 -4.47 -8.15 16.77
N ARG B 218 -5.47 -7.67 16.05
CA ARG B 218 -5.53 -6.25 15.61
C ARG B 218 -5.53 -5.30 16.83
N ASN B 219 -6.08 -5.73 17.95
CA ASN B 219 -6.40 -4.86 19.11
C ASN B 219 -5.20 -4.79 20.10
N MET B 220 -4.11 -5.47 19.80
CA MET B 220 -2.95 -5.41 20.71
C MET B 220 -2.55 -3.97 20.94
N PRO B 221 -2.24 -3.64 22.20
CA PRO B 221 -1.70 -2.31 22.50
C PRO B 221 -0.47 -1.94 21.65
N THR B 222 0.34 -2.94 21.33
CA THR B 222 1.59 -2.79 20.54
C THR B 222 1.35 -2.99 19.06
N PHE B 223 0.12 -3.12 18.64
CA PHE B 223 -0.14 -3.31 17.21
C PHE B 223 0.58 -2.25 16.37
N ALA B 224 1.19 -2.67 15.28
CA ALA B 224 1.86 -1.83 14.25
C ALA B 224 3.25 -1.42 14.71
N GLU B 225 3.36 -0.85 15.90
CA GLU B 225 4.67 -0.56 16.52
C GLU B 225 5.52 -1.87 16.56
N TRP B 226 4.85 -2.96 16.96
CA TRP B 226 5.54 -4.28 17.07
C TRP B 226 6.15 -4.66 15.72
N GLU B 227 5.28 -4.73 14.70
CA GLU B 227 5.72 -5.16 13.39
C GLU B 227 6.90 -4.36 12.89
N ALA B 228 6.75 -3.03 13.02
CA ALA B 228 7.81 -2.14 12.53
C ALA B 228 9.15 -2.39 13.20
N THR B 229 9.14 -2.49 14.52
CA THR B 229 10.41 -2.77 15.24
C THR B 229 10.98 -4.21 14.92
N VAL B 230 10.05 -5.17 14.93
CA VAL B 230 10.56 -6.56 14.69
C VAL B 230 11.16 -6.68 13.27
N LEU B 231 10.48 -6.05 12.24
CA LEU B 231 11.03 -6.08 10.89
C LEU B 231 12.32 -5.26 10.82
N ASP B 232 12.40 -4.14 11.56
CA ASP B 232 13.65 -3.39 11.54
C ASP B 232 14.85 -4.26 11.96
N HIS B 233 14.58 -5.21 12.88
CA HIS B 233 15.67 -6.06 13.41
C HIS B 233 15.89 -7.32 12.54
N THR B 234 14.95 -7.73 11.73
CA THR B 234 15.00 -9.10 11.13
C THR B 234 14.96 -9.08 9.60
N TYR B 235 14.63 -7.91 8.96
CA TYR B 235 14.20 -7.88 7.56
C TYR B 235 15.09 -8.73 6.63
N ASP B 236 16.40 -8.56 6.72
CA ASP B 236 17.35 -9.21 5.79
C ASP B 236 17.36 -10.75 5.95
N HIS B 237 16.88 -11.23 7.07
CA HIS B 237 17.03 -12.68 7.39
C HIS B 237 15.72 -13.41 7.27
N VAL B 238 14.59 -12.78 7.07
CA VAL B 238 13.28 -13.44 7.10
C VAL B 238 12.47 -13.16 5.85
N ASP B 239 11.41 -13.96 5.69
CA ASP B 239 10.68 -14.01 4.42
C ASP B 239 9.20 -13.63 4.56
N TYR B 240 8.63 -13.84 5.74
CA TYR B 240 7.22 -13.56 6.03
C TYR B 240 7.11 -12.98 7.42
N ILE B 241 6.01 -12.25 7.61
CA ILE B 241 5.55 -11.82 8.93
C ILE B 241 4.14 -12.36 9.21
N SER B 242 3.92 -12.79 10.45
CA SER B 242 2.64 -13.45 10.77
C SER B 242 1.59 -12.42 11.24
N LEU B 243 0.34 -12.80 11.08
CA LEU B 243 -0.85 -12.20 11.68
C LEU B 243 -1.71 -13.30 12.27
N HIS B 244 -2.30 -13.05 13.43
CA HIS B 244 -3.27 -13.93 14.09
C HIS B 244 -4.56 -13.16 14.31
N GLN B 245 -5.66 -13.86 14.23
CA GLN B 245 -6.95 -13.27 14.57
C GLN B 245 -8.05 -14.29 14.71
N TYR B 246 -8.75 -14.22 15.85
CA TYR B 246 -10.03 -14.90 16.03
C TYR B 246 -11.16 -13.88 16.15
N TYR B 247 -12.33 -14.26 15.65
CA TYR B 247 -13.60 -13.50 15.81
C TYR B 247 -14.68 -14.31 16.48
N GLY B 248 -15.62 -13.60 17.10
CA GLY B 248 -16.78 -14.26 17.72
C GLY B 248 -18.00 -13.35 17.76
N ASN B 249 -19.15 -13.94 18.08
CA ASN B 249 -20.42 -13.21 18.12
C ASN B 249 -20.96 -13.17 19.55
N ARG B 250 -20.19 -12.61 20.46
CA ARG B 250 -20.46 -12.59 21.91
C ARG B 250 -21.65 -11.70 22.25
N ASP B 251 -22.06 -10.73 21.41
N ASP B 251 -22.03 -10.80 21.33
CA ASP B 251 -23.24 -9.88 21.70
CA ASP B 251 -23.08 -9.77 21.52
C ASP B 251 -24.37 -10.19 20.70
C ASP B 251 -24.41 -10.28 20.88
N ASN B 252 -24.42 -11.43 20.18
CA ASN B 252 -25.56 -12.00 19.39
C ASN B 252 -26.03 -10.90 18.41
N ASP B 253 -25.13 -10.35 17.60
CA ASP B 253 -25.43 -9.35 16.56
C ASP B 253 -24.90 -9.84 15.22
N THR B 254 -25.76 -10.53 14.46
CA THR B 254 -25.34 -11.16 13.18
C THR B 254 -24.82 -10.12 12.17
N ALA B 255 -25.54 -8.99 12.03
CA ALA B 255 -25.20 -7.98 11.00
C ALA B 255 -23.79 -7.43 11.28
N ASN B 256 -23.47 -7.21 12.56
CA ASN B 256 -22.15 -6.67 12.99
C ASN B 256 -21.09 -7.77 12.83
N TYR B 257 -21.46 -9.00 13.20
CA TYR B 257 -20.55 -10.15 13.16
C TYR B 257 -20.05 -10.42 11.73
N LEU B 258 -20.96 -10.42 10.73
CA LEU B 258 -20.54 -10.76 9.37
C LEU B 258 -19.66 -9.67 8.78
N ALA B 259 -19.68 -8.46 9.35
CA ALA B 259 -18.86 -7.33 8.87
C ALA B 259 -17.40 -7.47 9.32
N LEU B 260 -17.06 -8.40 10.25
CA LEU B 260 -15.72 -8.41 10.89
C LEU B 260 -14.62 -8.69 9.87
N SER B 261 -14.93 -9.36 8.76
CA SER B 261 -13.92 -9.58 7.69
C SER B 261 -13.41 -8.21 7.16
N LEU B 262 -14.17 -7.12 7.34
CA LEU B 262 -13.64 -5.76 6.99
C LEU B 262 -12.47 -5.37 7.88
N GLU B 263 -12.52 -5.73 9.15
CA GLU B 263 -11.40 -5.50 10.07
C GLU B 263 -10.20 -6.36 9.62
N MET B 264 -10.46 -7.61 9.25
CA MET B 264 -9.37 -8.48 8.77
C MET B 264 -8.66 -7.84 7.56
N ASP B 265 -9.48 -7.32 6.65
CA ASP B 265 -8.95 -6.63 5.44
C ASP B 265 -8.03 -5.47 5.85
N ASP B 266 -8.45 -4.67 6.83
CA ASP B 266 -7.64 -3.55 7.32
C ASP B 266 -6.35 -4.06 7.96
N PHE B 267 -6.46 -5.14 8.76
CA PHE B 267 -5.29 -5.70 9.43
C PHE B 267 -4.26 -6.06 8.35
N ILE B 268 -4.70 -6.83 7.34
CA ILE B 268 -3.80 -7.21 6.23
C ILE B 268 -3.16 -5.98 5.57
N ARG B 269 -4.01 -5.03 5.12
CA ARG B 269 -3.47 -3.87 4.41
C ARG B 269 -2.45 -3.11 5.30
N SER B 270 -2.74 -3.03 6.60
CA SER B 270 -1.85 -2.33 7.53
C SER B 270 -0.50 -3.02 7.64
N VAL B 271 -0.52 -4.37 7.77
CA VAL B 271 0.78 -5.06 7.90
C VAL B 271 1.58 -5.03 6.60
N VAL B 272 0.91 -5.13 5.46
CA VAL B 272 1.59 -4.92 4.17
C VAL B 272 2.29 -3.53 4.17
N ALA B 273 1.56 -2.51 4.59
CA ALA B 273 2.14 -1.13 4.60
C ALA B 273 3.41 -1.09 5.45
N ILE B 274 3.37 -1.80 6.63
CA ILE B 274 4.54 -1.80 7.51
C ILE B 274 5.75 -2.44 6.83
N ALA B 275 5.46 -3.64 6.23
CA ALA B 275 6.52 -4.33 5.52
C ALA B 275 7.20 -3.45 4.47
N ASP B 276 6.33 -2.69 3.72
CA ASP B 276 6.87 -1.82 2.67
C ASP B 276 7.53 -0.52 3.24
N TYR B 277 7.13 -0.06 4.40
CA TYR B 277 7.86 0.98 5.14
C TYR B 277 9.27 0.55 5.44
N VAL B 278 9.37 -0.67 6.06
CA VAL B 278 10.73 -1.09 6.46
C VAL B 278 11.57 -1.47 5.26
N LYS B 279 10.96 -2.01 4.22
CA LYS B 279 11.68 -2.26 2.98
C LYS B 279 12.37 -0.95 2.51
N ALA B 280 11.57 0.13 2.48
CA ALA B 280 12.07 1.43 2.01
C ALA B 280 13.19 1.92 2.92
N LYS B 281 12.96 1.84 4.21
CA LYS B 281 13.91 2.32 5.21
CA LYS B 281 13.91 2.30 5.25
C LYS B 281 15.27 1.63 5.01
N LYS B 282 15.25 0.33 4.72
CA LYS B 282 16.48 -0.46 4.49
C LYS B 282 17.01 -0.41 3.08
N ARG B 283 16.25 0.17 2.17
CA ARG B 283 16.64 0.20 0.73
C ARG B 283 16.82 -1.26 0.27
N SER B 284 15.96 -2.14 0.75
CA SER B 284 16.01 -3.54 0.32
C SER B 284 15.26 -3.74 -0.99
N LYS B 285 15.75 -4.68 -1.80
CA LYS B 285 15.04 -5.12 -3.03
C LYS B 285 14.06 -6.25 -2.73
N LYS B 286 14.13 -6.84 -1.52
CA LYS B 286 13.26 -7.96 -1.19
C LYS B 286 11.91 -7.49 -0.62
N THR B 287 10.83 -8.13 -1.05
CA THR B 287 9.47 -7.92 -0.56
C THR B 287 9.23 -9.00 0.50
N ILE B 288 8.73 -8.61 1.66
CA ILE B 288 8.27 -9.49 2.75
C ILE B 288 6.79 -9.72 2.55
N HIS B 289 6.35 -10.98 2.60
CA HIS B 289 4.95 -11.31 2.50
C HIS B 289 4.37 -11.72 3.87
N LEU B 290 3.07 -11.99 3.86
CA LEU B 290 2.32 -12.25 5.11
C LEU B 290 1.98 -13.76 5.21
N SER B 291 2.04 -14.22 6.45
CA SER B 291 1.54 -15.55 6.84
C SER B 291 0.41 -15.32 7.85
N PHE B 292 -0.83 -15.53 7.43
CA PHE B 292 -1.97 -15.34 8.36
C PHE B 292 -2.13 -16.68 9.12
N ASP B 293 -1.19 -16.98 10.00
CA ASP B 293 -1.01 -18.39 10.42
C ASP B 293 -1.77 -18.72 11.69
N GLU B 294 -2.74 -17.87 12.09
CA GLU B 294 -3.84 -18.31 12.95
C GLU B 294 -5.04 -17.49 12.52
N TRP B 295 -6.07 -18.13 11.98
CA TRP B 295 -7.36 -17.47 11.77
C TRP B 295 -8.48 -18.47 11.99
N ASN B 296 -9.59 -17.99 12.49
CA ASN B 296 -10.83 -18.78 12.65
C ASN B 296 -11.91 -17.93 13.34
N VAL B 297 -13.10 -18.49 13.49
CA VAL B 297 -14.07 -18.11 14.51
C VAL B 297 -13.68 -18.82 15.82
N TRP B 298 -13.75 -18.11 16.95
CA TRP B 298 -13.60 -18.73 18.28
C TRP B 298 -14.40 -17.90 19.27
N TYR B 299 -15.22 -18.56 20.06
CA TYR B 299 -15.80 -17.97 21.28
C TYR B 299 -16.74 -18.90 22.06
N HIS B 300 -17.33 -19.91 21.41
CA HIS B 300 -18.37 -20.75 22.09
C HIS B 300 -17.84 -21.47 23.34
N SER B 301 -16.61 -21.92 23.36
CA SER B 301 -16.10 -22.81 24.44
C SER B 301 -15.69 -22.06 25.69
N ASN B 302 -15.73 -20.74 25.69
CA ASN B 302 -15.16 -20.01 26.84
C ASN B 302 -15.71 -20.54 28.21
N GLU B 303 -17.02 -20.68 28.44
CA GLU B 303 -17.57 -21.03 29.77
C GLU B 303 -17.17 -22.49 30.11
N ALA B 304 -17.25 -23.43 29.16
CA ALA B 304 -16.88 -24.85 29.40
C ALA B 304 -15.39 -24.93 29.78
N ASP B 305 -14.54 -24.17 29.12
CA ASP B 305 -13.07 -24.20 29.35
C ASP B 305 -12.71 -23.90 30.82
N LYS B 306 -13.45 -22.98 31.42
CA LYS B 306 -13.26 -22.52 32.82
C LYS B 306 -13.48 -23.71 33.78
N LEU B 307 -14.27 -24.75 33.40
CA LEU B 307 -14.60 -25.87 34.33
C LEU B 307 -13.45 -26.89 34.35
N ILE B 308 -12.50 -26.89 33.39
CA ILE B 308 -11.48 -27.99 33.29
C ILE B 308 -10.43 -27.83 34.38
N GLU B 309 -10.15 -28.88 35.14
CA GLU B 309 -9.26 -28.90 36.30
C GLU B 309 -7.85 -28.95 35.71
N PRO B 310 -6.84 -28.32 36.31
CA PRO B 310 -5.50 -28.38 35.76
C PRO B 310 -4.79 -29.73 35.91
N TRP B 311 -3.85 -29.91 35.00
CA TRP B 311 -2.85 -31.00 35.03
C TRP B 311 -3.47 -32.34 34.67
N THR B 312 -4.48 -32.33 33.83
CA THR B 312 -4.93 -33.59 33.20
C THR B 312 -4.20 -33.76 31.86
N VAL B 313 -4.31 -34.98 31.32
CA VAL B 313 -3.81 -35.36 30.00
C VAL B 313 -4.95 -35.22 29.00
N ALA B 314 -4.68 -34.46 27.94
CA ALA B 314 -5.61 -34.32 26.78
C ALA B 314 -7.00 -33.92 27.25
N PRO B 315 -7.13 -32.78 27.97
CA PRO B 315 -8.44 -32.32 28.34
C PRO B 315 -9.25 -31.87 27.13
N PRO B 316 -10.58 -31.83 27.25
CA PRO B 316 -11.43 -31.38 26.14
C PRO B 316 -11.60 -29.85 26.00
N LEU B 317 -10.50 -29.24 25.65
CA LEU B 317 -10.30 -27.77 25.74
C LEU B 317 -10.58 -27.14 24.36
N LEU B 318 -11.24 -25.99 24.41
CA LEU B 318 -11.45 -25.08 23.21
C LEU B 318 -12.25 -25.80 22.12
N GLU B 319 -13.20 -26.64 22.53
CA GLU B 319 -14.08 -27.41 21.60
C GLU B 319 -15.32 -26.57 21.26
N ASP B 320 -15.11 -25.59 20.40
CA ASP B 320 -16.26 -24.84 19.85
C ASP B 320 -17.09 -25.78 18.98
N ILE B 321 -18.41 -25.66 19.11
CA ILE B 321 -19.36 -26.27 18.14
C ILE B 321 -19.88 -25.11 17.27
N TYR B 322 -19.57 -25.10 16.00
CA TYR B 322 -19.89 -23.96 15.11
C TYR B 322 -21.30 -24.07 14.60
N ASN B 323 -21.82 -22.90 14.26
CA ASN B 323 -23.19 -22.77 13.72
C ASN B 323 -23.11 -22.27 12.28
N PHE B 324 -24.26 -22.02 11.70
CA PHE B 324 -24.32 -21.60 10.31
C PHE B 324 -23.72 -20.18 10.10
N GLU B 325 -24.06 -19.20 10.95
CA GLU B 325 -23.46 -17.87 10.73
C GLU B 325 -21.94 -17.96 10.86
N ASP B 326 -21.41 -18.85 11.71
CA ASP B 326 -19.94 -18.99 11.84
C ASP B 326 -19.38 -19.38 10.47
N ALA B 327 -20.10 -20.24 9.76
CA ALA B 327 -19.64 -20.69 8.43
C ALA B 327 -19.64 -19.51 7.46
N LEU B 328 -20.65 -18.65 7.55
CA LEU B 328 -20.70 -17.48 6.62
C LEU B 328 -19.53 -16.55 6.91
N LEU B 329 -19.16 -16.32 8.19
CA LEU B 329 -17.98 -15.47 8.48
C LEU B 329 -16.69 -16.16 8.00
N VAL B 330 -16.56 -17.47 8.23
CA VAL B 330 -15.35 -18.17 7.69
C VAL B 330 -15.29 -17.99 6.15
N GLY B 331 -16.45 -18.04 5.48
CA GLY B 331 -16.45 -17.80 4.03
C GLY B 331 -15.98 -16.38 3.68
N CYS B 332 -16.43 -15.40 4.44
CA CYS B 332 -15.97 -13.99 4.23
C CYS B 332 -14.46 -13.89 4.47
N MET B 333 -13.96 -14.54 5.51
CA MET B 333 -12.52 -14.53 5.84
C MET B 333 -11.72 -15.15 4.68
N LEU B 334 -12.22 -16.27 4.14
CA LEU B 334 -11.53 -16.92 2.98
C LEU B 334 -11.50 -15.98 1.78
N ILE B 335 -12.62 -15.34 1.48
CA ILE B 335 -12.64 -14.40 0.32
C ILE B 335 -11.63 -13.27 0.61
N THR B 336 -11.54 -12.79 1.86
CA THR B 336 -10.60 -11.71 2.22
C THR B 336 -9.15 -12.17 1.97
N LEU B 337 -8.84 -13.42 2.36
CA LEU B 337 -7.46 -13.95 2.09
C LEU B 337 -7.23 -13.94 0.57
N MET B 338 -8.19 -14.47 -0.21
CA MET B 338 -7.99 -14.54 -1.64
C MET B 338 -7.78 -13.15 -2.29
N LYS B 339 -8.51 -12.15 -1.80
CA LYS B 339 -8.43 -10.82 -2.45
CA LYS B 339 -8.50 -10.74 -2.26
C LYS B 339 -7.09 -10.18 -2.06
N HIS B 340 -6.34 -10.81 -1.13
CA HIS B 340 -4.98 -10.35 -0.78
C HIS B 340 -3.91 -11.37 -1.22
N ALA B 341 -4.23 -12.12 -2.27
CA ALA B 341 -3.27 -13.15 -2.75
C ALA B 341 -1.92 -12.57 -3.15
N ASP B 342 -1.86 -11.27 -3.50
CA ASP B 342 -0.61 -10.64 -3.90
C ASP B 342 0.39 -10.62 -2.72
N ARG B 343 -0.08 -10.55 -1.48
CA ARG B 343 0.84 -10.38 -0.33
C ARG B 343 0.64 -11.43 0.75
N VAL B 344 -0.51 -12.10 0.82
CA VAL B 344 -0.74 -13.16 1.81
C VAL B 344 -0.47 -14.50 1.10
N LYS B 345 0.67 -15.12 1.48
CA LYS B 345 1.16 -16.32 0.78
C LYS B 345 0.95 -17.61 1.57
N ILE B 346 0.74 -17.52 2.86
CA ILE B 346 0.47 -18.64 3.78
C ILE B 346 -0.67 -18.25 4.68
N ALA B 347 -1.56 -19.16 5.01
CA ALA B 347 -2.59 -18.91 6.04
C ALA B 347 -2.95 -20.26 6.67
N CYS B 348 -3.28 -20.22 7.95
CA CYS B 348 -3.57 -21.45 8.68
C CYS B 348 -4.88 -21.29 9.48
N LEU B 349 -5.87 -22.08 9.08
CA LEU B 349 -7.12 -22.24 9.83
C LEU B 349 -6.76 -22.89 11.15
N ALA B 350 -6.93 -22.22 12.27
CA ALA B 350 -6.37 -22.66 13.57
C ALA B 350 -7.57 -23.07 14.40
N GLN B 351 -7.82 -24.40 14.62
CA GLN B 351 -6.90 -25.51 14.28
C GLN B 351 -7.70 -26.56 13.50
N LEU B 352 -7.03 -27.67 13.17
CA LEU B 352 -7.58 -28.59 12.17
C LEU B 352 -8.51 -29.64 12.79
N VAL B 353 -8.24 -30.09 14.01
CA VAL B 353 -8.95 -31.24 14.65
C VAL B 353 -9.25 -30.95 16.12
N ASN B 354 -10.55 -30.98 16.47
CA ASN B 354 -11.10 -30.84 17.85
C ASN B 354 -10.98 -29.44 18.41
N VAL B 355 -9.80 -28.87 18.36
CA VAL B 355 -9.52 -27.55 18.95
C VAL B 355 -9.85 -26.44 17.93
N ILE B 356 -10.95 -25.73 18.19
CA ILE B 356 -11.34 -24.54 17.38
C ILE B 356 -11.36 -25.00 15.88
N ALA B 357 -12.12 -26.09 15.58
CA ALA B 357 -11.77 -26.95 14.42
C ALA B 357 -12.95 -27.28 13.53
N PRO B 358 -12.66 -27.51 12.24
CA PRO B 358 -13.69 -27.95 11.31
C PRO B 358 -13.99 -29.46 11.33
N ILE B 359 -13.13 -30.20 11.99
CA ILE B 359 -13.24 -31.68 12.14
C ILE B 359 -13.32 -31.97 13.64
N MET B 360 -14.31 -32.75 14.05
CA MET B 360 -14.45 -33.11 15.49
C MET B 360 -14.45 -34.64 15.59
N THR B 361 -13.97 -35.14 16.72
CA THR B 361 -13.96 -36.60 16.94
C THR B 361 -14.56 -36.94 18.31
N GLU B 362 -15.08 -38.17 18.38
CA GLU B 362 -15.51 -38.85 19.63
C GLU B 362 -14.58 -40.01 19.93
N LYS B 363 -14.21 -40.20 21.21
CA LYS B 363 -13.38 -41.35 21.66
C LYS B 363 -14.11 -42.63 21.22
N ASN B 364 -13.38 -43.49 20.54
CA ASN B 364 -13.87 -44.82 20.06
C ASN B 364 -15.12 -44.62 19.22
N GLY B 365 -15.26 -43.43 18.61
CA GLY B 365 -16.49 -43.04 17.92
C GLY B 365 -16.18 -42.31 16.63
N PRO B 366 -17.21 -41.70 16.06
CA PRO B 366 -17.09 -41.04 14.78
C PRO B 366 -16.32 -39.72 14.77
N ALA B 367 -15.93 -39.36 13.56
CA ALA B 367 -15.38 -38.03 13.23
C ALA B 367 -16.40 -37.36 12.29
N TRP B 368 -16.60 -36.05 12.46
CA TRP B 368 -17.67 -35.36 11.71
C TRP B 368 -17.24 -33.95 11.34
N LYS B 369 -17.98 -33.43 10.33
CA LYS B 369 -17.69 -32.12 9.71
C LYS B 369 -18.55 -31.05 10.38
N GLN B 370 -17.88 -30.03 10.88
CA GLN B 370 -18.56 -28.84 11.42
C GLN B 370 -19.14 -28.00 10.27
N THR B 371 -20.01 -27.06 10.57
CA THR B 371 -20.50 -26.12 9.54
C THR B 371 -19.34 -25.47 8.75
N ILE B 372 -18.28 -25.09 9.44
CA ILE B 372 -17.20 -24.28 8.83
C ILE B 372 -16.36 -25.16 7.89
N TYR B 373 -16.51 -26.47 7.97
CA TYR B 373 -15.70 -27.38 7.10
C TYR B 373 -15.99 -27.03 5.63
N TYR B 374 -17.27 -26.78 5.32
CA TYR B 374 -17.75 -26.70 3.93
C TYR B 374 -17.20 -25.49 3.19
N PRO B 375 -17.25 -24.24 3.68
CA PRO B 375 -16.64 -23.13 2.94
C PRO B 375 -15.13 -23.32 2.78
N PHE B 376 -14.49 -23.85 3.81
CA PHE B 376 -13.02 -24.09 3.73
C PHE B 376 -12.74 -25.09 2.59
N MET B 377 -13.46 -26.22 2.58
CA MET B 377 -13.26 -27.23 1.53
CA MET B 377 -13.30 -27.24 1.53
C MET B 377 -13.48 -26.58 0.17
N HIS B 378 -14.55 -25.82 0.02
CA HIS B 378 -14.85 -25.24 -1.32
C HIS B 378 -13.73 -24.27 -1.73
N ALA B 379 -13.27 -23.44 -0.81
CA ALA B 379 -12.19 -22.50 -1.14
C ALA B 379 -10.93 -23.30 -1.54
N SER B 380 -10.54 -24.27 -0.74
CA SER B 380 -9.30 -25.04 -1.04
C SER B 380 -9.41 -25.80 -2.36
N VAL B 381 -10.54 -26.46 -2.57
CA VAL B 381 -10.68 -27.36 -3.74
C VAL B 381 -10.86 -26.56 -5.03
N TYR B 382 -11.67 -25.48 -4.97
CA TYR B 382 -12.01 -24.72 -6.20
C TYR B 382 -11.29 -23.38 -6.33
N GLY B 383 -10.46 -23.02 -5.35
CA GLY B 383 -9.86 -21.67 -5.29
C GLY B 383 -8.41 -21.67 -5.64
N ARG B 384 -7.97 -22.59 -6.49
CA ARG B 384 -6.61 -22.58 -7.01
C ARG B 384 -6.59 -21.85 -8.38
N GLY B 385 -5.58 -21.01 -8.58
CA GLY B 385 -5.47 -20.24 -9.81
C GLY B 385 -5.09 -18.79 -9.49
N VAL B 386 -5.61 -17.89 -10.33
CA VAL B 386 -5.31 -16.45 -10.23
C VAL B 386 -6.54 -15.75 -9.64
N ALA B 387 -6.32 -14.99 -8.58
CA ALA B 387 -7.39 -14.11 -8.03
C ALA B 387 -7.53 -12.91 -8.99
N LEU B 388 -8.74 -12.66 -9.46
CA LEU B 388 -9.04 -11.54 -10.34
C LEU B 388 -9.45 -10.33 -9.50
N HIS B 389 -9.12 -9.17 -10.03
CA HIS B 389 -9.51 -7.91 -9.34
C HIS B 389 -10.95 -7.57 -9.71
N PRO B 390 -11.88 -7.53 -8.75
CA PRO B 390 -13.27 -7.28 -9.07
C PRO B 390 -13.61 -5.78 -9.01
N VAL B 391 -14.55 -5.36 -9.83
CA VAL B 391 -15.24 -4.07 -9.68
C VAL B 391 -16.68 -4.44 -9.33
N ILE B 392 -17.04 -4.18 -8.09
CA ILE B 392 -18.34 -4.57 -7.51
C ILE B 392 -19.12 -3.30 -7.22
N SER B 393 -20.40 -3.36 -7.55
CA SER B 393 -21.44 -2.41 -7.16
C SER B 393 -22.49 -3.17 -6.33
N SER B 394 -22.42 -3.05 -5.00
CA SER B 394 -23.27 -3.71 -3.98
C SER B 394 -24.01 -2.66 -3.15
N PRO B 395 -25.24 -2.98 -2.70
CA PRO B 395 -25.88 -2.23 -1.63
C PRO B 395 -25.13 -2.50 -0.32
N LYS B 396 -25.31 -1.61 0.65
CA LYS B 396 -24.50 -1.56 1.88
C LYS B 396 -25.43 -1.31 3.09
N TYR B 397 -24.86 -1.49 4.29
CA TYR B 397 -25.59 -1.27 5.56
C TYR B 397 -24.59 -0.78 6.59
N ASP B 398 -25.10 -0.16 7.65
CA ASP B 398 -24.27 0.18 8.83
C ASP B 398 -24.65 -0.79 9.93
N SER B 399 -23.68 -1.14 10.78
CA SER B 399 -23.79 -1.90 12.05
C SER B 399 -23.17 -1.03 13.16
N LYS B 400 -23.21 -1.52 14.40
CA LYS B 400 -22.64 -0.90 15.64
C LYS B 400 -21.21 -0.43 15.32
N ASP B 401 -20.39 -1.21 14.62
CA ASP B 401 -18.90 -1.03 14.62
C ASP B 401 -18.39 -0.75 13.20
N PHE B 402 -19.24 -0.76 12.18
CA PHE B 402 -18.85 -0.79 10.74
C PHE B 402 -19.84 0.06 9.96
N THR B 403 -19.33 0.86 9.02
CA THR B 403 -20.17 1.71 8.15
C THR B 403 -19.96 1.23 6.71
N ASP B 404 -20.99 1.33 5.86
CA ASP B 404 -20.89 0.99 4.40
C ASP B 404 -20.35 -0.45 4.24
N VAL B 405 -20.93 -1.37 5.00
CA VAL B 405 -20.67 -2.83 4.82
C VAL B 405 -21.39 -3.29 3.56
N PRO B 406 -20.70 -3.81 2.54
CA PRO B 406 -21.40 -4.34 1.36
C PRO B 406 -22.19 -5.61 1.72
N TYR B 407 -23.38 -5.78 1.19
CA TYR B 407 -24.09 -7.08 1.35
C TYR B 407 -23.36 -8.18 0.59
N LEU B 408 -22.75 -7.89 -0.55
CA LEU B 408 -21.94 -8.86 -1.31
C LEU B 408 -20.51 -8.85 -0.81
N GLU B 409 -20.00 -10.05 -0.49
CA GLU B 409 -18.56 -10.32 -0.35
C GLU B 409 -18.23 -11.33 -1.45
N SER B 410 -17.37 -10.99 -2.42
CA SER B 410 -17.14 -11.88 -3.58
CA SER B 410 -17.15 -11.88 -3.59
C SER B 410 -15.75 -11.71 -4.17
N ILE B 411 -15.24 -12.76 -4.78
CA ILE B 411 -14.07 -12.70 -5.68
C ILE B 411 -14.20 -13.87 -6.68
N ALA B 412 -13.55 -13.74 -7.82
CA ALA B 412 -13.41 -14.79 -8.84
C ALA B 412 -11.96 -15.21 -8.91
N VAL B 413 -11.81 -16.52 -9.15
CA VAL B 413 -10.49 -17.15 -9.34
C VAL B 413 -10.50 -17.85 -10.69
N TYR B 414 -9.49 -17.55 -11.50
CA TYR B 414 -9.33 -18.11 -12.85
C TYR B 414 -8.25 -19.16 -12.85
N ASN B 415 -8.62 -20.42 -13.18
CA ASN B 415 -7.65 -21.52 -13.31
C ASN B 415 -7.52 -21.83 -14.80
N GLU B 416 -6.44 -21.35 -15.39
CA GLU B 416 -6.21 -21.50 -16.84
C GLU B 416 -5.92 -22.95 -17.19
N GLU B 417 -5.23 -23.69 -16.31
CA GLU B 417 -4.88 -25.12 -16.59
C GLU B 417 -6.20 -25.94 -16.75
N LYS B 418 -7.21 -25.62 -15.95
CA LYS B 418 -8.53 -26.31 -15.92
C LYS B 418 -9.53 -25.64 -16.89
N GLU B 419 -9.25 -24.42 -17.35
CA GLU B 419 -10.21 -23.55 -18.07
C GLU B 419 -11.48 -23.45 -17.20
N GLU B 420 -11.32 -22.92 -15.97
CA GLU B 420 -12.42 -22.72 -15.01
C GLU B 420 -12.31 -21.33 -14.44
N VAL B 421 -13.48 -20.75 -14.14
CA VAL B 421 -13.55 -19.52 -13.32
C VAL B 421 -14.48 -19.90 -12.16
N THR B 422 -14.09 -19.64 -10.93
CA THR B 422 -14.94 -19.90 -9.76
C THR B 422 -15.24 -18.57 -9.05
N ILE B 423 -16.53 -18.28 -8.90
CA ILE B 423 -17.00 -17.07 -8.18
C ILE B 423 -17.41 -17.52 -6.78
N PHE B 424 -16.73 -17.04 -5.75
CA PHE B 424 -17.08 -17.26 -4.34
C PHE B 424 -17.90 -16.05 -3.89
N ALA B 425 -19.07 -16.24 -3.31
CA ALA B 425 -19.92 -15.10 -2.95
C ALA B 425 -20.69 -15.38 -1.67
N VAL B 426 -20.62 -14.44 -0.73
CA VAL B 426 -21.51 -14.40 0.46
C VAL B 426 -22.51 -13.29 0.26
N ASN B 427 -23.77 -13.61 0.53
CA ASN B 427 -24.80 -12.56 0.73
C ASN B 427 -25.04 -12.40 2.23
N ARG B 428 -24.60 -11.28 2.80
CA ARG B 428 -24.76 -10.91 4.23
C ARG B 428 -26.19 -10.53 4.60
N ASP B 429 -27.05 -10.28 3.62
CA ASP B 429 -28.39 -9.70 3.86
C ASP B 429 -29.19 -10.69 4.73
N MET B 430 -29.71 -10.24 5.86
CA MET B 430 -30.49 -11.13 6.76
C MET B 430 -31.93 -11.28 6.26
N GLU B 431 -32.39 -10.54 5.25
CA GLU B 431 -33.85 -10.55 4.88
C GLU B 431 -34.00 -10.89 3.38
N ASP B 432 -33.17 -10.32 2.50
CA ASP B 432 -33.39 -10.33 1.04
C ASP B 432 -32.33 -11.12 0.26
N ALA B 433 -32.81 -11.79 -0.76
CA ALA B 433 -31.94 -12.38 -1.80
C ALA B 433 -31.23 -11.22 -2.53
N LEU B 434 -30.03 -11.49 -3.03
CA LEU B 434 -29.27 -10.58 -3.88
C LEU B 434 -29.22 -11.19 -5.28
N LEU B 435 -29.74 -10.42 -6.22
CA LEU B 435 -29.71 -10.79 -7.67
C LEU B 435 -28.32 -10.38 -8.17
N LEU B 436 -27.38 -11.30 -8.33
CA LEU B 436 -26.01 -10.92 -8.81
C LEU B 436 -25.97 -10.99 -10.35
N GLU B 437 -25.37 -10.01 -11.00
CA GLU B 437 -25.08 -9.99 -12.45
C GLU B 437 -23.55 -9.84 -12.57
N CYS B 438 -22.90 -10.81 -13.17
CA CYS B 438 -21.46 -10.82 -13.45
C CYS B 438 -21.21 -10.67 -14.95
N ASP B 439 -20.43 -9.66 -15.35
CA ASP B 439 -20.01 -9.49 -16.75
C ASP B 439 -18.84 -10.44 -17.08
N VAL B 440 -19.05 -11.45 -17.94
CA VAL B 440 -18.07 -12.52 -18.28
C VAL B 440 -17.68 -12.39 -19.78
N ARG B 441 -17.77 -11.17 -20.36
CA ARG B 441 -17.39 -10.94 -21.79
C ARG B 441 -16.00 -11.58 -22.09
N SER B 442 -15.02 -11.48 -21.18
CA SER B 442 -13.57 -11.70 -21.47
C SER B 442 -13.24 -13.20 -21.38
N PHE B 443 -14.25 -14.04 -21.08
CA PHE B 443 -14.20 -15.53 -20.92
C PHE B 443 -15.15 -16.15 -21.97
N GLU B 444 -14.82 -16.01 -23.25
CA GLU B 444 -15.67 -16.50 -24.38
C GLU B 444 -15.88 -18.02 -24.28
N ASP B 445 -17.08 -18.48 -24.56
CA ASP B 445 -17.41 -19.92 -24.59
C ASP B 445 -17.30 -20.45 -23.16
N TYR B 446 -17.37 -19.62 -22.11
CA TYR B 446 -17.59 -20.20 -20.76
C TYR B 446 -19.10 -20.42 -20.51
N ARG B 447 -19.40 -21.49 -19.79
CA ARG B 447 -20.78 -21.92 -19.38
C ARG B 447 -20.78 -22.25 -17.87
N VAL B 448 -21.95 -22.34 -17.26
CA VAL B 448 -22.03 -22.73 -15.82
C VAL B 448 -21.81 -24.24 -15.74
N ILE B 449 -20.99 -24.64 -14.80
CA ILE B 449 -20.78 -26.06 -14.47
C ILE B 449 -21.80 -26.33 -13.35
N GLU B 450 -21.77 -25.53 -12.29
CA GLU B 450 -22.61 -25.83 -11.10
C GLU B 450 -22.65 -24.59 -10.25
N HIS B 451 -23.67 -24.52 -9.41
CA HIS B 451 -23.87 -23.45 -8.40
C HIS B 451 -24.18 -24.10 -7.04
N ILE B 452 -23.18 -24.11 -6.18
CA ILE B 452 -23.24 -24.73 -4.85
C ILE B 452 -23.77 -23.65 -3.92
N VAL B 453 -24.63 -24.02 -3.01
CA VAL B 453 -25.20 -23.08 -1.99
C VAL B 453 -25.11 -23.70 -0.57
N LEU B 454 -24.59 -22.96 0.38
CA LEU B 454 -24.69 -23.32 1.81
C LEU B 454 -25.60 -22.27 2.47
N GLU B 455 -26.74 -22.73 2.93
CA GLU B 455 -27.76 -21.86 3.56
C GLU B 455 -28.52 -22.63 4.63
N HIS B 456 -29.04 -21.95 5.63
CA HIS B 456 -29.91 -22.59 6.66
C HIS B 456 -30.78 -21.50 7.28
N ASP B 457 -32.07 -21.75 7.45
CA ASP B 457 -33.04 -20.78 8.04
C ASP B 457 -32.55 -20.26 9.40
N ASN B 458 -31.84 -21.04 10.21
CA ASN B 458 -31.48 -20.71 11.63
C ASN B 458 -29.97 -20.51 11.68
N VAL B 459 -29.54 -19.27 11.87
CA VAL B 459 -28.08 -18.96 11.94
C VAL B 459 -27.40 -19.71 13.10
N LYS B 460 -28.13 -20.07 14.15
CA LYS B 460 -27.59 -20.76 15.34
C LYS B 460 -27.56 -22.28 15.15
N GLN B 461 -28.04 -22.80 14.06
CA GLN B 461 -28.05 -24.28 13.84
C GLN B 461 -26.62 -24.83 13.71
N THR B 462 -26.31 -25.87 14.47
CA THR B 462 -25.00 -26.55 14.44
C THR B 462 -25.14 -27.96 13.79
N ASN B 463 -24.01 -28.52 13.45
CA ASN B 463 -23.96 -29.96 13.07
C ASN B 463 -23.49 -30.73 14.31
N SER B 464 -23.58 -32.05 14.23
CA SER B 464 -23.11 -32.93 15.32
C SER B 464 -22.74 -34.31 14.75
N ALA B 465 -22.28 -35.21 15.63
CA ALA B 465 -21.99 -36.58 15.17
C ALA B 465 -23.30 -37.22 14.69
N GLN B 466 -24.45 -36.84 15.25
CA GLN B 466 -25.72 -37.57 15.00
C GLN B 466 -26.38 -37.05 13.70
N SER B 467 -26.19 -35.81 13.33
CA SER B 467 -26.87 -35.25 12.13
C SER B 467 -26.25 -33.94 11.67
N SER B 468 -26.37 -33.69 10.37
CA SER B 468 -25.78 -32.50 9.73
C SER B 468 -26.85 -31.78 8.95
N PRO B 469 -27.66 -30.96 9.63
CA PRO B 469 -28.67 -30.18 8.93
C PRO B 469 -28.07 -29.04 8.11
N VAL B 470 -26.82 -28.68 8.37
CA VAL B 470 -26.17 -27.54 7.65
C VAL B 470 -25.19 -28.20 6.68
N VAL B 471 -25.58 -28.35 5.44
CA VAL B 471 -24.77 -29.04 4.39
C VAL B 471 -25.05 -28.34 3.06
N PRO B 472 -24.09 -28.35 2.12
CA PRO B 472 -24.29 -27.73 0.83
C PRO B 472 -25.34 -28.44 -0.02
N HIS B 473 -25.91 -27.70 -0.96
CA HIS B 473 -26.78 -28.26 -2.04
C HIS B 473 -26.32 -27.68 -3.36
N ARG B 474 -26.74 -28.31 -4.45
CA ARG B 474 -26.35 -27.82 -5.82
C ARG B 474 -27.59 -27.26 -6.56
N ASN B 475 -28.52 -26.63 -5.83
CA ASN B 475 -29.78 -26.10 -6.41
C ASN B 475 -29.64 -24.61 -6.66
N GLY B 476 -28.44 -24.08 -6.72
CA GLY B 476 -28.31 -22.68 -7.10
C GLY B 476 -28.70 -22.47 -8.54
N ASP B 477 -29.27 -21.31 -8.86
CA ASP B 477 -29.86 -21.05 -10.20
C ASP B 477 -28.94 -20.30 -11.16
N ALA B 478 -27.65 -20.14 -10.89
CA ALA B 478 -26.77 -19.40 -11.82
C ALA B 478 -26.98 -19.87 -13.26
N GLN B 479 -27.04 -18.92 -14.19
CA GLN B 479 -27.34 -19.13 -15.65
C GLN B 479 -26.46 -18.10 -16.40
N LEU B 480 -25.84 -18.50 -17.51
CA LEU B 480 -24.94 -17.58 -18.25
C LEU B 480 -25.57 -17.39 -19.61
N SER B 481 -26.06 -16.19 -19.87
CA SER B 481 -26.69 -15.83 -21.17
C SER B 481 -26.17 -14.47 -21.63
N ASP B 482 -25.93 -14.31 -22.94
CA ASP B 482 -25.47 -13.01 -23.50
C ASP B 482 -24.30 -12.46 -22.66
N ARG B 483 -23.28 -13.29 -22.35
CA ARG B 483 -21.94 -12.90 -21.80
C ARG B 483 -22.10 -12.40 -20.35
N LYS B 484 -23.19 -12.76 -19.67
CA LYS B 484 -23.52 -12.30 -18.30
CA LYS B 484 -23.58 -12.28 -18.31
C LYS B 484 -24.00 -13.51 -17.50
N VAL B 485 -23.41 -13.70 -16.32
CA VAL B 485 -23.87 -14.70 -15.35
C VAL B 485 -24.88 -14.03 -14.45
N SER B 486 -26.06 -14.60 -14.36
CA SER B 486 -27.11 -14.10 -13.45
C SER B 486 -27.33 -15.20 -12.42
N ALA B 487 -27.28 -14.86 -11.15
CA ALA B 487 -27.44 -15.82 -10.04
C ALA B 487 -28.21 -15.17 -8.87
N THR B 488 -29.18 -15.89 -8.33
CA THR B 488 -29.83 -15.50 -7.08
C THR B 488 -28.97 -15.99 -5.90
N LEU B 489 -28.47 -15.10 -5.06
CA LEU B 489 -27.77 -15.46 -3.82
C LEU B 489 -28.80 -15.37 -2.69
N PRO B 490 -29.28 -16.50 -2.14
CA PRO B 490 -30.30 -16.41 -1.11
C PRO B 490 -29.80 -15.54 0.06
N LYS B 491 -30.75 -14.94 0.80
CA LYS B 491 -30.40 -14.27 2.09
C LYS B 491 -29.47 -15.20 2.91
N LEU B 492 -28.50 -14.62 3.57
CA LEU B 492 -27.52 -15.32 4.45
C LEU B 492 -27.04 -16.60 3.79
N SER B 493 -26.27 -16.51 2.72
CA SER B 493 -25.80 -17.68 1.97
C SER B 493 -24.32 -17.56 1.60
N TRP B 494 -23.67 -18.72 1.48
CA TRP B 494 -22.39 -18.93 0.81
C TRP B 494 -22.65 -19.62 -0.52
N ASN B 495 -21.97 -19.12 -1.55
CA ASN B 495 -22.24 -19.54 -2.93
C ASN B 495 -20.92 -19.82 -3.62
N VAL B 496 -20.89 -20.90 -4.40
CA VAL B 496 -19.73 -21.23 -5.26
C VAL B 496 -20.25 -21.44 -6.67
N ILE B 497 -19.98 -20.50 -7.56
CA ILE B 497 -20.50 -20.52 -8.93
C ILE B 497 -19.34 -20.89 -9.84
N ARG B 498 -19.37 -22.12 -10.35
CA ARG B 498 -18.26 -22.66 -11.13
C ARG B 498 -18.61 -22.55 -12.63
N LEU B 499 -17.71 -21.89 -13.37
CA LEU B 499 -17.84 -21.73 -14.82
C LEU B 499 -16.73 -22.53 -15.49
N GLY B 500 -16.96 -22.99 -16.71
CA GLY B 500 -15.89 -23.65 -17.47
C GLY B 500 -16.06 -23.51 -18.95
N LYS B 501 -14.94 -23.60 -19.67
CA LYS B 501 -14.92 -23.45 -21.15
C LYS B 501 -15.57 -24.72 -21.70
N ARG B 502 -16.47 -24.54 -22.69
#